data_8EH0
#
_entry.id   8EH0
#
_cell.length_a   164.365
_cell.length_b   164.365
_cell.length_c   84.301
_cell.angle_alpha   90.000
_cell.angle_beta   90.000
_cell.angle_gamma   90.000
#
_symmetry.space_group_name_H-M   'I 4'
#
loop_
_entity.id
_entity.type
_entity.pdbx_description
1 polymer 'Engineered tyrosine synthase (TmTyrS1)'
2 non-polymer '2-{[(E)-{3-hydroxy-2-methyl-5-[(phosphonooxy)methyl]pyridin-4-yl}methylidene]amino}prop-2-enoic acid'
3 non-polymer 1,2-ETHANEDIOL
4 non-polymer 1-oxo-1lambda~5~-quinoline
5 non-polymer 'POTASSIUM ION'
6 water water
#
_entity_poly.entity_id   1
_entity_poly.type   'polypeptide(L)'
_entity_poly.pdbx_seq_one_letter_code
;MKGNFGPYGGQNVPEILMGALEELEAAYEGIMKDESFWKEYNDLLRDYAGRPTPLYFARRLSEKYGARVYLKREDLLHTG
AHKINNAIGQVLLAKLMGKTRITAGTGAGQHGVATATAAALFGMECVIYMGEEDTIRQKLNVERMKLLGAKVVPVKSGSR
TLKDAIDEALRDWITNLQTTYYVPGSVVGPHPYPIIVRNFQKVIGEETKKQIPEKEGRLPDYIVACVSGGSNAAGIFYPF
IDSGVKLIGVEAGGEGLETGKHAASLLKGKIGYLHGSKTFVLQDDWGQVQASHSVSAGLDYPGVGPEHAYWRETGKVLYD
AVTDEEALDAFIELSRLEGIIPALESSHALAYLKKINIKGKVVVVNLSGRGDKDLESVLNHPYVRERIHLEHHHHHH
;
_entity_poly.pdbx_strand_id   A,B
#
# COMPACT_ATOMS: atom_id res chain seq x y z
N GLY A 3 -29.23 20.79 0.75
CA GLY A 3 -28.77 19.58 1.45
C GLY A 3 -29.71 18.37 1.63
N ASN A 4 -30.79 18.34 0.85
CA ASN A 4 -31.80 17.29 0.97
C ASN A 4 -31.71 16.38 -0.24
N PHE A 5 -31.79 15.08 0.00
CA PHE A 5 -31.88 14.03 -1.05
C PHE A 5 -33.30 13.48 -0.88
N GLY A 6 -34.25 14.02 -1.63
CA GLY A 6 -35.61 13.70 -1.29
C GLY A 6 -35.90 14.17 0.12
N PRO A 7 -36.51 13.30 0.93
CA PRO A 7 -36.81 13.63 2.32
C PRO A 7 -35.59 13.56 3.28
N TYR A 8 -34.44 13.07 2.82
CA TYR A 8 -33.33 12.71 3.68
C TYR A 8 -32.28 13.80 3.67
N GLY A 9 -31.44 13.77 4.72
CA GLY A 9 -30.30 14.70 4.73
C GLY A 9 -30.47 15.83 5.74
N GLY A 10 -30.41 17.07 5.25
CA GLY A 10 -30.64 18.22 6.11
C GLY A 10 -29.47 18.55 7.02
N GLN A 11 -29.75 19.43 8.00
CA GLN A 11 -28.76 19.85 9.00
C GLN A 11 -29.40 19.70 10.37
N ASN A 12 -29.15 18.58 11.00
CA ASN A 12 -29.90 18.23 12.23
C ASN A 12 -28.90 18.23 13.37
N VAL A 13 -28.66 19.43 13.92
CA VAL A 13 -27.49 19.65 14.74
C VAL A 13 -27.88 20.55 15.91
N PRO A 14 -27.09 20.57 16.97
CA PRO A 14 -27.22 21.64 17.97
C PRO A 14 -27.05 22.99 17.30
N GLU A 15 -27.79 23.99 17.80
CA GLU A 15 -27.78 25.29 17.11
C GLU A 15 -26.41 25.95 17.07
N ILE A 16 -25.54 25.67 18.04
CA ILE A 16 -24.22 26.32 18.08
C ILE A 16 -23.39 25.94 16.84
N LEU A 17 -23.72 24.81 16.17
CA LEU A 17 -22.98 24.45 14.96
C LEU A 17 -23.43 25.20 13.74
N MET A 18 -24.56 25.93 13.78
CA MET A 18 -25.08 26.49 12.53
C MET A 18 -24.12 27.51 11.93
N GLY A 19 -23.48 28.34 12.75
CA GLY A 19 -22.51 29.29 12.20
C GLY A 19 -21.33 28.58 11.54
N ALA A 20 -20.82 27.53 12.18
CA ALA A 20 -19.73 26.77 11.55
C ALA A 20 -20.17 26.14 10.23
N LEU A 21 -21.40 25.60 10.15
CA LEU A 21 -21.85 24.97 8.90
C LEU A 21 -22.07 26.01 7.81
N GLU A 22 -22.57 27.20 8.17
CA GLU A 22 -22.69 28.28 7.19
C GLU A 22 -21.33 28.74 6.68
N GLU A 23 -20.34 28.80 7.57
CA GLU A 23 -18.99 29.18 7.18
C GLU A 23 -18.39 28.14 6.23
N LEU A 24 -18.63 26.86 6.54
CA LEU A 24 -18.14 25.75 5.70
C LEU A 24 -18.82 25.76 4.34
N GLU A 25 -20.16 25.96 4.30
CA GLU A 25 -20.85 26.03 3.03
C GLU A 25 -20.34 27.19 2.14
N ALA A 26 -20.11 28.35 2.73
CA ALA A 26 -19.58 29.45 1.94
C ALA A 26 -18.16 29.18 1.44
N ALA A 27 -17.30 28.63 2.29
CA ALA A 27 -15.93 28.31 1.89
C ALA A 27 -15.92 27.28 0.79
N TYR A 28 -16.81 26.31 0.89
CA TYR A 28 -16.89 25.26 -0.12
C TYR A 28 -17.44 25.80 -1.43
N GLU A 29 -18.47 26.63 -1.38
CA GLU A 29 -18.93 27.29 -2.60
C GLU A 29 -17.77 28.08 -3.24
N GLY A 30 -16.94 28.70 -2.40
CA GLY A 30 -15.81 29.46 -2.91
C GLY A 30 -14.75 28.62 -3.62
N ILE A 31 -14.48 27.41 -3.14
CA ILE A 31 -13.46 26.63 -3.88
C ILE A 31 -14.01 25.89 -5.10
N MET A 32 -15.33 25.79 -5.23
CA MET A 32 -15.93 25.16 -6.41
C MET A 32 -15.48 25.81 -7.69
N LYS A 33 -15.12 27.08 -7.63
CA LYS A 33 -14.73 27.86 -8.79
C LYS A 33 -13.28 28.34 -8.68
N ASP A 34 -12.48 27.72 -7.81
CA ASP A 34 -11.14 28.21 -7.47
C ASP A 34 -10.10 27.35 -8.21
N GLU A 35 -9.58 27.86 -9.34
CA GLU A 35 -8.66 27.03 -10.13
C GLU A 35 -7.43 26.64 -9.34
N SER A 36 -7.00 27.48 -8.40
CA SER A 36 -5.81 27.16 -7.66
C SER A 36 -6.04 26.07 -6.61
N PHE A 37 -7.23 26.01 -5.99
CA PHE A 37 -7.55 24.87 -5.12
C PHE A 37 -7.48 23.56 -5.92
N TRP A 38 -8.14 23.54 -7.07
CA TRP A 38 -8.20 22.30 -7.85
C TRP A 38 -6.83 21.90 -8.39
N LYS A 39 -5.99 22.89 -8.77
CA LYS A 39 -4.64 22.54 -9.22
C LYS A 39 -3.86 21.85 -8.11
N GLU A 40 -3.82 22.45 -6.92
CA GLU A 40 -3.06 21.89 -5.81
C GLU A 40 -3.61 20.54 -5.42
N TYR A 41 -4.94 20.46 -5.33
CA TYR A 41 -5.59 19.21 -4.92
C TYR A 41 -5.34 18.12 -5.94
N ASN A 42 -5.55 18.42 -7.22
CA ASN A 42 -5.36 17.37 -8.24
C ASN A 42 -3.89 16.98 -8.39
N ASP A 43 -2.94 17.93 -8.20
CA ASP A 43 -1.54 17.54 -8.22
C ASP A 43 -1.18 16.61 -7.07
N LEU A 44 -1.73 16.84 -5.88
CA LEU A 44 -1.51 15.92 -4.77
C LEU A 44 -2.21 14.58 -5.05
N LEU A 45 -3.45 14.59 -5.59
CA LEU A 45 -4.07 13.28 -5.92
C LEU A 45 -3.16 12.46 -6.84
N ARG A 46 -2.55 13.11 -7.84
CA ARG A 46 -1.68 12.41 -8.80
C ARG A 46 -0.39 11.92 -8.12
N ASP A 47 0.38 12.83 -7.55
CA ASP A 47 1.77 12.47 -7.14
C ASP A 47 1.91 12.01 -5.71
N TYR A 48 0.98 12.41 -4.84
CA TYR A 48 1.02 12.07 -3.44
C TYR A 48 0.17 10.82 -3.21
N ALA A 49 -1.07 10.83 -3.71
CA ALA A 49 -1.94 9.67 -3.47
C ALA A 49 -1.76 8.55 -4.51
N GLY A 50 -1.40 8.89 -5.72
CA GLY A 50 -1.24 7.92 -6.79
C GLY A 50 -2.40 7.77 -7.77
N ARG A 51 -3.29 8.79 -7.92
CA ARG A 51 -4.35 8.67 -8.92
C ARG A 51 -3.82 8.94 -10.33
N PRO A 52 -4.41 8.36 -11.37
CA PRO A 52 -5.60 7.48 -11.38
C PRO A 52 -5.22 6.09 -10.94
N THR A 53 -6.14 5.40 -10.26
CA THR A 53 -5.90 4.01 -9.88
C THR A 53 -6.29 3.12 -11.08
N PRO A 54 -5.63 1.96 -11.22
CA PRO A 54 -5.97 1.10 -12.36
C PRO A 54 -7.29 0.38 -12.17
N LEU A 55 -7.80 -0.07 -13.31
CA LEU A 55 -8.96 -0.94 -13.38
C LEU A 55 -8.38 -2.29 -13.82
N TYR A 56 -8.35 -3.23 -12.91
CA TYR A 56 -7.60 -4.46 -13.09
C TYR A 56 -8.52 -5.61 -13.51
N PHE A 57 -8.19 -6.26 -14.62
CA PHE A 57 -8.90 -7.51 -14.98
C PHE A 57 -8.43 -8.67 -14.13
N ALA A 58 -9.31 -9.23 -13.29
CA ALA A 58 -8.98 -10.27 -12.32
C ALA A 58 -9.22 -11.62 -13.05
N ARG A 59 -8.15 -12.13 -13.67
N ARG A 59 -8.17 -12.17 -13.68
CA ARG A 59 -8.24 -13.30 -14.53
CA ARG A 59 -8.39 -13.30 -14.57
C ARG A 59 -8.79 -14.52 -13.80
C ARG A 59 -8.78 -14.57 -13.82
N ARG A 60 -8.27 -14.80 -12.60
CA ARG A 60 -8.63 -16.02 -11.90
C ARG A 60 -10.00 -15.93 -11.28
N LEU A 61 -10.37 -14.76 -10.73
CA LEU A 61 -11.75 -14.56 -10.31
C LEU A 61 -12.68 -14.72 -11.50
N SER A 62 -12.31 -14.12 -12.65
CA SER A 62 -13.16 -14.18 -13.84
C SER A 62 -13.35 -15.62 -14.27
N GLU A 63 -12.26 -16.40 -14.32
CA GLU A 63 -12.39 -17.82 -14.66
C GLU A 63 -13.27 -18.57 -13.68
N LYS A 64 -13.16 -18.27 -12.37
CA LYS A 64 -13.94 -18.99 -11.38
C LYS A 64 -15.44 -18.76 -11.56
N TYR A 65 -15.84 -17.53 -11.90
CA TYR A 65 -17.26 -17.19 -11.98
C TYR A 65 -17.77 -17.17 -13.42
N GLY A 66 -16.92 -17.45 -14.40
CA GLY A 66 -17.38 -17.37 -15.79
C GLY A 66 -17.80 -15.97 -16.21
N ALA A 67 -17.15 -14.95 -15.67
CA ALA A 67 -17.57 -13.58 -15.90
C ALA A 67 -16.33 -12.74 -16.28
N ARG A 68 -16.53 -11.46 -16.53
N ARG A 68 -16.54 -11.46 -16.49
CA ARG A 68 -15.45 -10.52 -16.80
CA ARG A 68 -15.47 -10.52 -16.78
C ARG A 68 -15.41 -9.60 -15.58
C ARG A 68 -15.38 -9.57 -15.59
N VAL A 69 -14.55 -9.92 -14.60
CA VAL A 69 -14.53 -9.21 -13.31
C VAL A 69 -13.35 -8.25 -13.29
N TYR A 70 -13.65 -6.98 -13.07
CA TYR A 70 -12.64 -5.94 -12.96
C TYR A 70 -12.64 -5.38 -11.55
N LEU A 71 -11.46 -5.09 -11.03
CA LEU A 71 -11.33 -4.51 -9.68
C LEU A 71 -10.84 -3.07 -9.84
N LYS A 72 -11.60 -2.13 -9.31
CA LYS A 72 -11.13 -0.74 -9.29
C LYS A 72 -10.19 -0.62 -8.08
N ARG A 73 -8.92 -0.32 -8.35
CA ARG A 73 -7.86 -0.59 -7.36
C ARG A 73 -7.62 0.60 -6.43
N GLU A 74 -8.63 0.97 -5.63
CA GLU A 74 -8.38 2.03 -4.63
C GLU A 74 -7.44 1.58 -3.53
N ASP A 75 -7.22 0.27 -3.37
CA ASP A 75 -6.22 -0.23 -2.40
C ASP A 75 -4.81 0.23 -2.77
N LEU A 76 -4.56 0.66 -4.01
CA LEU A 76 -3.19 1.10 -4.40
C LEU A 76 -2.93 2.54 -4.02
N LEU A 77 -3.92 3.24 -3.48
CA LEU A 77 -3.65 4.64 -3.08
C LEU A 77 -2.71 4.71 -1.90
N HIS A 78 -2.04 5.87 -1.75
CA HIS A 78 -1.33 6.14 -0.53
C HIS A 78 -2.28 5.99 0.68
N THR A 79 -1.83 5.27 1.69
CA THR A 79 -2.50 4.86 2.94
C THR A 79 -3.37 3.62 2.76
N GLY A 80 -3.67 3.21 1.54
CA GLY A 80 -4.30 1.92 1.39
C GLY A 80 -5.81 1.93 1.29
N ALA A 81 -6.44 3.12 1.10
CA ALA A 81 -7.91 3.12 0.96
C ALA A 81 -8.39 4.42 0.32
N HIS A 82 -9.59 4.37 -0.25
CA HIS A 82 -10.23 5.55 -0.85
C HIS A 82 -10.35 6.71 0.12
N LYS A 83 -10.21 6.48 1.42
CA LYS A 83 -10.39 7.57 2.37
C LYS A 83 -9.47 8.75 2.05
N ILE A 84 -8.29 8.49 1.48
CA ILE A 84 -7.36 9.61 1.25
C ILE A 84 -7.91 10.64 0.25
N ASN A 85 -8.79 10.24 -0.70
CA ASN A 85 -9.31 11.23 -1.65
C ASN A 85 -10.00 12.36 -0.89
N ASN A 86 -10.81 11.99 0.08
CA ASN A 86 -11.60 12.92 0.87
C ASN A 86 -10.72 13.62 1.91
N ALA A 87 -9.81 12.87 2.56
CA ALA A 87 -9.02 13.50 3.62
C ALA A 87 -8.14 14.61 3.06
N ILE A 88 -7.51 14.39 1.89
CA ILE A 88 -6.64 15.46 1.35
C ILE A 88 -7.50 16.68 1.07
N GLY A 89 -8.64 16.47 0.41
CA GLY A 89 -9.48 17.60 -0.01
C GLY A 89 -9.97 18.43 1.18
N GLN A 90 -10.44 17.76 2.24
CA GLN A 90 -11.01 18.50 3.36
C GLN A 90 -9.94 19.16 4.23
N VAL A 91 -8.78 18.50 4.40
CA VAL A 91 -7.76 19.15 5.23
C VAL A 91 -7.15 20.34 4.48
N LEU A 92 -7.03 20.24 3.15
CA LEU A 92 -6.64 21.42 2.34
C LEU A 92 -7.64 22.56 2.54
N LEU A 93 -8.92 22.24 2.47
CA LEU A 93 -9.96 23.26 2.70
C LEU A 93 -9.86 23.85 4.11
N ALA A 94 -9.69 23.00 5.13
CA ALA A 94 -9.50 23.47 6.50
C ALA A 94 -8.31 24.44 6.59
N LYS A 95 -7.19 24.08 5.99
CA LYS A 95 -6.00 24.93 6.01
C LYS A 95 -6.27 26.28 5.37
N LEU A 96 -6.96 26.29 4.23
CA LEU A 96 -7.30 27.54 3.54
C LEU A 96 -8.31 28.37 4.30
N MET A 97 -9.14 27.75 5.13
CA MET A 97 -10.09 28.47 5.96
C MET A 97 -9.42 29.10 7.19
N GLY A 98 -8.12 28.88 7.40
CA GLY A 98 -7.42 29.37 8.59
C GLY A 98 -7.57 28.52 9.84
N LYS A 99 -8.13 27.32 9.72
CA LYS A 99 -8.16 26.44 10.88
C LYS A 99 -6.75 25.96 11.19
N THR A 100 -6.53 25.60 12.43
CA THR A 100 -5.22 25.14 12.85
C THR A 100 -5.21 23.72 13.41
N ARG A 101 -6.36 23.07 13.48
CA ARG A 101 -6.47 21.78 14.13
C ARG A 101 -7.54 20.97 13.43
N ILE A 102 -7.37 19.65 13.45
CA ILE A 102 -8.26 18.72 12.75
C ILE A 102 -8.75 17.69 13.75
N THR A 103 -10.03 17.34 13.69
CA THR A 103 -10.51 16.22 14.50
C THR A 103 -11.42 15.35 13.64
N ALA A 104 -11.48 14.05 14.00
CA ALA A 104 -12.22 13.07 13.21
C ALA A 104 -12.39 11.83 14.08
N GLY A 105 -13.33 10.98 13.71
CA GLY A 105 -13.41 9.66 14.35
C GLY A 105 -13.11 8.60 13.29
N THR A 106 -12.75 7.40 13.73
CA THR A 106 -12.40 6.39 12.72
C THR A 106 -12.73 5.02 13.29
N GLY A 107 -13.05 4.07 12.38
CA GLY A 107 -13.47 2.73 12.76
C GLY A 107 -12.41 1.76 12.27
N ALA A 108 -12.26 1.63 10.97
CA ALA A 108 -11.19 0.79 10.45
C ALA A 108 -9.83 1.41 10.70
N GLY A 109 -9.79 2.70 11.03
CA GLY A 109 -8.51 3.36 11.14
C GLY A 109 -7.99 3.90 9.85
N GLN A 110 -8.63 3.60 8.70
CA GLN A 110 -8.14 4.13 7.43
C GLN A 110 -8.44 5.60 7.28
N HIS A 111 -9.65 6.03 7.71
CA HIS A 111 -9.92 7.47 7.73
C HIS A 111 -9.00 8.18 8.71
N GLY A 112 -8.82 7.60 9.90
CA GLY A 112 -7.85 8.16 10.83
C GLY A 112 -6.46 8.31 10.24
N VAL A 113 -5.96 7.25 9.56
CA VAL A 113 -4.62 7.38 8.96
C VAL A 113 -4.65 8.42 7.83
N ALA A 114 -5.67 8.40 6.95
CA ALA A 114 -5.70 9.35 5.85
C ALA A 114 -5.71 10.78 6.39
N THR A 115 -6.53 11.01 7.40
CA THR A 115 -6.66 12.34 7.98
C THR A 115 -5.35 12.76 8.64
N ALA A 116 -4.73 11.86 9.40
CA ALA A 116 -3.44 12.18 10.01
C ALA A 116 -2.35 12.45 8.96
N THR A 117 -2.39 11.74 7.84
CA THR A 117 -1.41 11.93 6.76
C THR A 117 -1.56 13.31 6.16
N ALA A 118 -2.82 13.70 5.87
CA ALA A 118 -3.02 15.03 5.31
C ALA A 118 -2.70 16.10 6.35
N ALA A 119 -3.01 15.84 7.63
CA ALA A 119 -2.69 16.87 8.63
C ALA A 119 -1.18 17.03 8.74
N ALA A 120 -0.44 15.92 8.68
CA ALA A 120 1.03 16.03 8.68
C ALA A 120 1.50 16.82 7.45
N LEU A 121 0.98 16.50 6.27
CA LEU A 121 1.39 17.16 5.04
C LEU A 121 1.13 18.66 5.12
N PHE A 122 0.00 19.06 5.69
CA PHE A 122 -0.35 20.47 5.75
C PHE A 122 0.01 21.13 7.07
N GLY A 123 0.73 20.43 7.94
CA GLY A 123 1.22 21.05 9.16
C GLY A 123 0.14 21.42 10.16
N MET A 124 -0.88 20.58 10.33
CA MET A 124 -1.96 20.82 11.27
C MET A 124 -1.99 19.87 12.45
N GLU A 125 -2.37 20.38 13.63
CA GLU A 125 -2.61 19.51 14.77
C GLU A 125 -3.77 18.55 14.47
N CYS A 126 -3.62 17.29 14.86
CA CYS A 126 -4.65 16.28 14.50
C CYS A 126 -4.94 15.40 15.70
N VAL A 127 -6.23 15.27 16.06
CA VAL A 127 -6.68 14.46 17.17
C VAL A 127 -7.75 13.50 16.63
N ILE A 128 -7.50 12.20 16.73
CA ILE A 128 -8.39 11.20 16.15
C ILE A 128 -9.01 10.38 17.27
N TYR A 129 -10.34 10.23 17.24
CA TYR A 129 -11.07 9.40 18.20
C TYR A 129 -11.32 8.03 17.59
N MET A 130 -11.08 6.98 18.39
CA MET A 130 -11.30 5.65 17.85
C MET A 130 -11.81 4.74 18.98
N GLY A 131 -12.89 4.01 18.72
CA GLY A 131 -13.45 3.17 19.76
C GLY A 131 -12.43 2.15 20.24
N GLU A 132 -12.45 1.89 21.54
CA GLU A 132 -11.40 1.05 22.12
C GLU A 132 -11.34 -0.33 21.45
N GLU A 133 -12.49 -0.91 21.13
CA GLU A 133 -12.48 -2.22 20.46
C GLU A 133 -11.78 -2.14 19.11
N ASP A 134 -11.92 -1.02 18.42
CA ASP A 134 -11.27 -0.83 17.12
C ASP A 134 -9.78 -0.60 17.28
N THR A 135 -9.35 0.05 18.38
CA THR A 135 -7.91 0.20 18.57
C THR A 135 -7.24 -1.16 18.69
N ILE A 136 -7.98 -2.18 19.12
CA ILE A 136 -7.43 -3.55 19.26
C ILE A 136 -7.49 -4.32 17.93
N ARG A 137 -8.64 -4.35 17.23
CA ARG A 137 -8.71 -5.17 16.02
C ARG A 137 -8.16 -4.47 14.79
N GLN A 138 -7.78 -3.17 14.88
CA GLN A 138 -7.18 -2.42 13.77
C GLN A 138 -5.91 -1.72 14.25
N LYS A 139 -5.19 -2.40 15.15
CA LYS A 139 -3.94 -1.88 15.73
C LYS A 139 -2.92 -1.31 14.73
N LEU A 140 -2.77 -1.92 13.55
CA LEU A 140 -1.77 -1.40 12.60
C LEU A 140 -2.03 0.09 12.34
N ASN A 141 -3.30 0.45 12.23
CA ASN A 141 -3.59 1.86 11.92
C ASN A 141 -3.34 2.78 13.13
N VAL A 142 -3.45 2.28 14.35
CA VAL A 142 -3.07 3.10 15.52
C VAL A 142 -1.59 3.40 15.45
N GLU A 143 -0.79 2.39 15.12
CA GLU A 143 0.65 2.61 14.99
C GLU A 143 0.95 3.63 13.92
N ARG A 144 0.27 3.52 12.76
CA ARG A 144 0.51 4.48 11.69
C ARG A 144 0.18 5.89 12.16
N MET A 145 -1.02 6.09 12.77
CA MET A 145 -1.36 7.44 13.23
C MET A 145 -0.38 8.01 14.23
N LYS A 146 0.17 7.17 15.11
CA LYS A 146 1.18 7.66 16.06
C LYS A 146 2.45 8.14 15.34
N LEU A 147 2.92 7.41 14.32
CA LEU A 147 4.09 7.86 13.57
C LEU A 147 3.82 9.12 12.77
N LEU A 148 2.58 9.32 12.33
CA LEU A 148 2.22 10.51 11.56
C LEU A 148 2.05 11.72 12.46
N GLY A 149 2.16 11.55 13.76
CA GLY A 149 2.07 12.67 14.71
C GLY A 149 0.70 13.03 15.22
N ALA A 150 -0.31 12.21 14.95
CA ALA A 150 -1.65 12.46 15.44
C ALA A 150 -1.82 11.89 16.84
N LYS A 151 -2.63 12.56 17.65
CA LYS A 151 -3.05 11.98 18.92
C LYS A 151 -4.21 11.02 18.67
N VAL A 152 -4.12 9.79 19.16
CA VAL A 152 -5.21 8.81 19.06
C VAL A 152 -5.85 8.70 20.44
N VAL A 153 -7.14 8.97 20.52
CA VAL A 153 -7.88 8.94 21.79
C VAL A 153 -8.83 7.75 21.77
N PRO A 154 -8.58 6.70 22.57
CA PRO A 154 -9.48 5.54 22.60
C PRO A 154 -10.76 5.90 23.32
N VAL A 155 -11.89 5.45 22.76
CA VAL A 155 -13.20 5.84 23.27
C VAL A 155 -13.78 4.61 23.94
N LYS A 156 -14.02 4.70 25.26
CA LYS A 156 -14.39 3.51 26.02
C LYS A 156 -15.88 3.42 26.31
N SER A 157 -16.68 4.37 25.83
CA SER A 157 -18.11 4.43 26.09
C SER A 157 -18.91 3.65 25.05
N GLY A 158 -20.16 3.33 25.40
CA GLY A 158 -21.06 2.68 24.46
C GLY A 158 -20.52 1.36 23.94
N SER A 159 -20.70 1.11 22.63
CA SER A 159 -20.20 -0.11 22.02
C SER A 159 -18.70 -0.06 21.71
N ARG A 160 -18.01 1.06 22.00
CA ARG A 160 -16.56 1.22 21.84
C ARG A 160 -16.12 0.95 20.38
N THR A 161 -16.98 1.34 19.42
CA THR A 161 -16.69 1.19 18.00
C THR A 161 -17.01 2.53 17.32
N LEU A 162 -17.20 2.52 16.00
CA LEU A 162 -17.17 3.78 15.24
C LEU A 162 -18.22 4.78 15.72
N LYS A 163 -19.46 4.33 16.00
CA LYS A 163 -20.50 5.27 16.38
C LYS A 163 -20.02 6.11 17.54
N ASP A 164 -19.40 5.47 18.53
CA ASP A 164 -18.97 6.17 19.76
C ASP A 164 -17.79 7.08 19.45
N ALA A 165 -16.90 6.62 18.57
CA ALA A 165 -15.80 7.49 18.14
C ALA A 165 -16.34 8.78 17.51
N ILE A 166 -17.33 8.66 16.63
CA ILE A 166 -17.88 9.86 15.99
C ILE A 166 -18.56 10.75 17.04
N ASP A 167 -19.29 10.13 18.00
CA ASP A 167 -19.89 10.94 19.08
C ASP A 167 -18.84 11.83 19.73
N GLU A 168 -17.70 11.25 20.08
CA GLU A 168 -16.63 12.00 20.74
C GLU A 168 -15.96 13.02 19.83
N ALA A 169 -15.74 12.69 18.54
CA ALA A 169 -15.16 13.68 17.65
C ALA A 169 -16.08 14.89 17.54
N LEU A 170 -17.40 14.65 17.45
CA LEU A 170 -18.34 15.78 17.34
C LEU A 170 -18.35 16.60 18.62
N ARG A 171 -18.23 15.95 19.78
CA ARG A 171 -18.11 16.70 21.03
C ARG A 171 -16.86 17.57 21.03
N ASP A 172 -15.75 17.00 20.56
CA ASP A 172 -14.51 17.74 20.47
C ASP A 172 -14.66 18.95 19.55
N TRP A 173 -15.24 18.75 18.37
CA TRP A 173 -15.44 19.85 17.42
C TRP A 173 -16.22 21.01 18.07
N ILE A 174 -17.34 20.70 18.68
CA ILE A 174 -18.15 21.75 19.33
C ILE A 174 -17.33 22.49 20.41
N THR A 175 -16.50 21.77 21.17
CA THR A 175 -15.66 22.35 22.24
C THR A 175 -14.50 23.20 21.70
N ASN A 176 -14.18 23.08 20.43
CA ASN A 176 -12.99 23.67 19.86
C ASN A 176 -13.31 24.43 18.60
N LEU A 177 -14.49 25.08 18.53
CA LEU A 177 -14.93 25.62 17.23
C LEU A 177 -14.00 26.72 16.69
N GLN A 178 -13.32 27.48 17.55
N GLN A 178 -13.28 27.39 17.60
CA GLN A 178 -12.44 28.51 16.99
CA GLN A 178 -12.39 28.49 17.25
C GLN A 178 -11.36 27.91 16.12
C GLN A 178 -11.20 28.04 16.41
N THR A 179 -10.76 26.79 16.57
CA THR A 179 -9.55 26.29 15.95
C THR A 179 -9.76 25.15 14.98
N THR A 180 -10.84 24.40 15.14
CA THR A 180 -10.86 23.00 14.69
C THR A 180 -11.83 22.75 13.54
N TYR A 181 -11.38 21.96 12.56
CA TYR A 181 -12.22 21.54 11.44
C TYR A 181 -12.51 20.07 11.67
N TYR A 182 -13.80 19.69 11.58
CA TYR A 182 -14.19 18.28 11.76
C TYR A 182 -14.22 17.60 10.38
N VAL A 183 -13.51 16.47 10.25
CA VAL A 183 -13.46 15.79 8.96
C VAL A 183 -14.27 14.51 9.05
N PRO A 184 -15.50 14.46 8.50
CA PRO A 184 -16.18 13.15 8.44
C PRO A 184 -15.46 12.29 7.41
N GLY A 185 -15.42 11.01 7.72
CA GLY A 185 -14.84 10.06 6.79
C GLY A 185 -15.83 9.37 5.91
N SER A 186 -17.12 9.71 6.02
CA SER A 186 -18.08 9.09 5.13
C SER A 186 -19.12 10.14 4.74
N VAL A 187 -20.17 9.72 4.03
CA VAL A 187 -21.16 10.66 3.49
C VAL A 187 -22.31 10.80 4.47
N VAL A 188 -21.99 10.86 5.75
CA VAL A 188 -22.99 11.03 6.81
C VAL A 188 -22.59 12.29 7.56
N GLY A 189 -23.56 13.14 7.79
CA GLY A 189 -23.28 14.36 8.55
C GLY A 189 -24.27 15.43 8.08
N PRO A 190 -24.28 16.56 8.79
CA PRO A 190 -25.11 17.68 8.33
C PRO A 190 -24.60 18.25 7.02
N HIS A 191 -25.52 18.71 6.18
CA HIS A 191 -25.15 19.47 5.00
C HIS A 191 -24.19 20.60 5.42
N PRO A 192 -23.09 20.84 4.68
CA PRO A 192 -22.80 20.34 3.34
C PRO A 192 -21.89 19.09 3.29
N TYR A 193 -21.72 18.40 4.38
CA TYR A 193 -20.70 17.35 4.43
C TYR A 193 -21.01 16.16 3.53
N PRO A 194 -22.25 15.64 3.42
CA PRO A 194 -22.48 14.52 2.44
C PRO A 194 -22.11 14.90 1.01
N ILE A 195 -22.39 16.13 0.60
CA ILE A 195 -22.04 16.54 -0.75
C ILE A 195 -20.53 16.73 -0.86
N ILE A 196 -19.90 17.32 0.15
CA ILE A 196 -18.46 17.53 0.06
C ILE A 196 -17.74 16.18 -0.09
N VAL A 197 -18.09 15.22 0.75
CA VAL A 197 -17.38 13.92 0.73
C VAL A 197 -17.66 13.21 -0.57
N ARG A 198 -18.93 13.16 -0.98
CA ARG A 198 -19.22 12.46 -2.25
C ARG A 198 -18.51 13.14 -3.42
N ASN A 199 -18.44 14.46 -3.41
CA ASN A 199 -17.77 15.16 -4.51
C ASN A 199 -16.25 14.92 -4.53
N PHE A 200 -15.62 14.59 -3.41
CA PHE A 200 -14.21 14.19 -3.47
C PHE A 200 -14.03 12.72 -3.83
N GLN A 201 -15.06 11.90 -3.67
CA GLN A 201 -14.93 10.48 -4.01
C GLN A 201 -15.42 10.15 -5.42
N LYS A 202 -16.16 11.06 -6.08
CA LYS A 202 -16.71 10.72 -7.38
C LYS A 202 -15.65 10.60 -8.47
N VAL A 203 -14.42 11.06 -8.22
CA VAL A 203 -13.30 10.73 -9.12
C VAL A 203 -13.19 9.22 -9.36
N ILE A 204 -13.57 8.38 -8.38
CA ILE A 204 -13.48 6.93 -8.58
C ILE A 204 -14.36 6.49 -9.73
N GLY A 205 -15.64 6.89 -9.69
CA GLY A 205 -16.56 6.56 -10.78
C GLY A 205 -16.19 7.26 -12.07
N GLU A 206 -15.68 8.50 -11.99
CA GLU A 206 -15.35 9.19 -13.23
C GLU A 206 -14.23 8.47 -13.97
N GLU A 207 -13.18 8.07 -13.23
CA GLU A 207 -12.12 7.26 -13.83
C GLU A 207 -12.66 5.97 -14.38
N THR A 208 -13.41 5.22 -13.56
CA THR A 208 -14.01 3.97 -14.02
C THR A 208 -14.77 4.14 -15.33
N LYS A 209 -15.57 5.19 -15.42
CA LYS A 209 -16.36 5.41 -16.61
C LYS A 209 -15.48 5.61 -17.86
N LYS A 210 -14.29 6.20 -17.69
CA LYS A 210 -13.37 6.35 -18.85
C LYS A 210 -12.60 5.07 -19.12
N GLN A 211 -12.34 4.27 -18.07
CA GLN A 211 -11.51 3.09 -18.19
C GLN A 211 -12.24 1.88 -18.74
N ILE A 212 -13.50 1.71 -18.36
CA ILE A 212 -14.17 0.47 -18.74
C ILE A 212 -14.41 0.36 -20.26
N PRO A 213 -14.75 1.40 -21.03
CA PRO A 213 -14.84 1.19 -22.50
C PRO A 213 -13.52 0.80 -23.14
N GLU A 214 -12.39 1.13 -22.52
CA GLU A 214 -11.10 0.66 -23.03
C GLU A 214 -10.95 -0.84 -22.86
N LYS A 215 -11.68 -1.45 -21.92
CA LYS A 215 -11.57 -2.87 -21.70
C LYS A 215 -12.63 -3.62 -22.48
N GLU A 216 -13.84 -3.09 -22.55
CA GLU A 216 -14.95 -3.90 -23.02
C GLU A 216 -15.76 -3.23 -24.12
N GLY A 217 -15.45 -2.00 -24.45
CA GLY A 217 -16.20 -1.32 -25.49
C GLY A 217 -17.56 -0.78 -25.09
N ARG A 218 -17.98 -0.89 -23.83
CA ARG A 218 -19.29 -0.40 -23.39
C ARG A 218 -19.25 -0.26 -21.88
N LEU A 219 -20.39 0.20 -21.32
CA LEU A 219 -20.63 0.26 -19.87
C LEU A 219 -20.63 -1.15 -19.27
N PRO A 220 -20.26 -1.27 -17.99
CA PRO A 220 -20.37 -2.56 -17.31
C PRO A 220 -21.82 -2.96 -17.09
N ASP A 221 -22.02 -4.25 -16.89
CA ASP A 221 -23.34 -4.73 -16.52
C ASP A 221 -23.66 -4.45 -15.05
N TYR A 222 -22.66 -4.58 -14.18
CA TYR A 222 -22.82 -4.37 -12.74
C TYR A 222 -21.64 -3.57 -12.21
N ILE A 223 -21.90 -2.75 -11.19
CA ILE A 223 -20.83 -2.21 -10.32
C ILE A 223 -21.24 -2.51 -8.89
N VAL A 224 -20.34 -3.09 -8.11
CA VAL A 224 -20.66 -3.57 -6.76
C VAL A 224 -19.72 -2.88 -5.81
N ALA A 225 -20.26 -2.34 -4.73
CA ALA A 225 -19.40 -1.73 -3.72
C ALA A 225 -19.99 -1.94 -2.33
N CYS A 226 -19.12 -2.09 -1.31
CA CYS A 226 -19.68 -2.20 0.04
C CYS A 226 -20.19 -0.83 0.53
N VAL A 227 -21.11 -0.86 1.49
CA VAL A 227 -21.79 0.34 2.01
C VAL A 227 -21.96 0.20 3.51
N SER A 228 -21.38 1.10 4.26
CA SER A 228 -21.97 1.33 5.59
C SER A 228 -22.33 2.79 5.69
N GLY A 229 -21.36 3.70 5.92
CA GLY A 229 -21.69 5.12 5.71
C GLY A 229 -22.03 5.42 4.25
N GLY A 230 -21.23 4.87 3.30
CA GLY A 230 -21.55 5.02 1.91
C GLY A 230 -20.57 5.76 1.00
N SER A 231 -19.40 6.15 1.51
CA SER A 231 -18.59 7.07 0.70
C SER A 231 -17.91 6.38 -0.49
N ASN A 232 -17.36 5.16 -0.32
CA ASN A 232 -16.69 4.57 -1.50
C ASN A 232 -17.70 4.21 -2.55
N ALA A 233 -18.89 3.78 -2.11
CA ALA A 233 -19.89 3.41 -3.08
C ALA A 233 -20.49 4.64 -3.72
N ALA A 234 -20.77 5.71 -2.94
CA ALA A 234 -21.21 6.95 -3.60
C ALA A 234 -20.20 7.42 -4.65
N GLY A 235 -18.89 7.26 -4.36
CA GLY A 235 -17.87 7.73 -5.29
C GLY A 235 -17.87 6.98 -6.59
N ILE A 236 -18.02 5.65 -6.53
CA ILE A 236 -18.00 4.95 -7.80
C ILE A 236 -19.38 4.98 -8.48
N PHE A 237 -20.47 5.04 -7.71
CA PHE A 237 -21.82 5.03 -8.31
C PHE A 237 -22.23 6.36 -8.94
N TYR A 238 -21.84 7.51 -8.34
CA TYR A 238 -22.46 8.79 -8.68
C TYR A 238 -22.43 9.05 -10.19
N PRO A 239 -21.31 8.85 -10.90
CA PRO A 239 -21.29 9.13 -12.34
C PRO A 239 -22.14 8.18 -13.17
N PHE A 240 -22.58 7.06 -12.59
CA PHE A 240 -23.36 6.09 -13.31
C PHE A 240 -24.86 6.15 -12.99
N ILE A 241 -25.30 7.06 -12.12
CA ILE A 241 -26.70 7.10 -11.77
C ILE A 241 -27.51 7.36 -13.04
N ASP A 242 -28.59 6.58 -13.21
CA ASP A 242 -29.51 6.61 -14.36
C ASP A 242 -28.85 6.20 -15.69
N SER A 243 -27.72 5.52 -15.64
CA SER A 243 -27.07 5.01 -16.86
C SER A 243 -27.68 3.73 -17.37
N GLY A 244 -28.34 2.98 -16.50
CA GLY A 244 -28.77 1.62 -16.80
C GLY A 244 -27.82 0.51 -16.31
N VAL A 245 -26.63 0.86 -15.87
CA VAL A 245 -25.79 -0.11 -15.15
C VAL A 245 -26.52 -0.53 -13.89
N LYS A 246 -26.43 -1.82 -13.52
CA LYS A 246 -26.98 -2.31 -12.26
C LYS A 246 -25.99 -1.95 -11.16
N LEU A 247 -26.31 -0.95 -10.35
CA LEU A 247 -25.47 -0.56 -9.21
C LEU A 247 -25.91 -1.28 -7.94
N ILE A 248 -25.00 -2.01 -7.29
CA ILE A 248 -25.36 -2.82 -6.12
C ILE A 248 -24.49 -2.42 -4.92
N GLY A 249 -25.14 -1.92 -3.88
CA GLY A 249 -24.46 -1.57 -2.64
C GLY A 249 -24.67 -2.72 -1.66
N VAL A 250 -23.59 -3.13 -0.98
CA VAL A 250 -23.63 -4.31 -0.12
C VAL A 250 -23.36 -3.90 1.32
N GLU A 251 -24.38 -3.99 2.18
CA GLU A 251 -24.27 -3.75 3.63
C GLU A 251 -23.69 -4.96 4.39
N ALA A 252 -23.26 -4.68 5.62
CA ALA A 252 -22.76 -5.71 6.53
C ALA A 252 -23.94 -6.47 7.13
N GLY A 253 -24.08 -7.75 6.78
CA GLY A 253 -25.09 -8.62 7.39
C GLY A 253 -24.66 -9.25 8.72
N GLY A 254 -23.39 -9.04 9.17
CA GLY A 254 -22.95 -9.52 10.49
C GLY A 254 -23.20 -11.00 10.68
N GLU A 255 -23.82 -11.35 11.81
CA GLU A 255 -24.11 -12.76 12.04
C GLU A 255 -25.33 -13.21 11.24
N GLY A 256 -26.04 -12.28 10.64
CA GLY A 256 -27.19 -12.56 9.80
C GLY A 256 -28.24 -11.49 10.00
N LEU A 257 -29.01 -11.22 8.94
CA LEU A 257 -29.93 -10.07 9.00
C LEU A 257 -31.05 -10.30 10.01
N GLU A 258 -31.31 -11.54 10.40
CA GLU A 258 -32.37 -11.81 11.33
C GLU A 258 -31.88 -12.09 12.73
N THR A 259 -30.59 -11.82 13.01
CA THR A 259 -29.97 -12.06 14.32
C THR A 259 -29.93 -10.83 15.22
N GLY A 260 -30.23 -9.66 14.72
CA GLY A 260 -29.96 -8.47 15.48
C GLY A 260 -28.49 -8.11 15.61
N LYS A 261 -27.57 -8.77 14.91
CA LYS A 261 -26.16 -8.42 15.04
C LYS A 261 -25.65 -8.12 13.62
N HIS A 262 -25.82 -6.89 13.19
CA HIS A 262 -25.43 -6.53 11.81
C HIS A 262 -25.29 -5.01 11.75
N ALA A 263 -25.06 -4.47 10.56
CA ALA A 263 -24.98 -3.02 10.39
C ALA A 263 -25.77 -2.59 9.17
N ALA A 264 -26.87 -3.31 8.89
CA ALA A 264 -27.59 -3.13 7.62
C ALA A 264 -28.68 -2.07 7.78
N SER A 265 -28.24 -0.80 7.83
CA SER A 265 -29.14 0.33 8.04
C SER A 265 -30.27 0.42 6.99
N LEU A 266 -29.93 0.32 5.70
CA LEU A 266 -30.97 0.45 4.69
C LEU A 266 -31.96 -0.71 4.76
N LEU A 267 -31.44 -1.92 4.97
CA LEU A 267 -32.33 -3.09 4.91
C LEU A 267 -33.15 -3.26 6.17
N LYS A 268 -32.66 -2.82 7.33
CA LYS A 268 -33.30 -3.12 8.59
C LYS A 268 -33.50 -1.90 9.48
N GLY A 269 -32.99 -0.72 9.10
CA GLY A 269 -33.20 0.47 9.91
C GLY A 269 -34.57 1.14 9.74
N LYS A 270 -34.74 2.22 10.47
CA LYS A 270 -35.91 3.08 10.35
C LYS A 270 -35.44 4.53 10.14
N ILE A 271 -36.32 5.35 9.57
CA ILE A 271 -35.96 6.76 9.43
C ILE A 271 -35.72 7.39 10.80
N GLY A 272 -34.68 8.24 10.88
CA GLY A 272 -34.31 8.82 12.14
C GLY A 272 -33.18 9.80 11.89
N TYR A 273 -32.53 10.23 12.98
CA TYR A 273 -31.47 11.22 12.90
C TYR A 273 -30.21 10.63 13.50
N LEU A 274 -29.08 10.80 12.82
CA LEU A 274 -27.81 10.35 13.38
C LEU A 274 -26.69 11.26 12.87
N HIS A 275 -25.93 11.85 13.81
CA HIS A 275 -24.69 12.58 13.47
C HIS A 275 -24.94 13.70 12.45
N GLY A 276 -26.16 14.25 12.47
CA GLY A 276 -26.49 15.41 11.64
C GLY A 276 -27.40 15.12 10.47
N SER A 277 -27.60 13.85 10.10
CA SER A 277 -28.43 13.51 8.93
C SER A 277 -29.74 12.88 9.35
N LYS A 278 -30.81 13.21 8.60
CA LYS A 278 -32.04 12.42 8.60
C LYS A 278 -31.85 11.29 7.60
N THR A 279 -31.91 10.05 8.06
CA THR A 279 -31.54 8.94 7.18
C THR A 279 -32.04 7.66 7.83
N PHE A 280 -31.59 6.50 7.32
CA PHE A 280 -31.95 5.23 7.92
C PHE A 280 -30.97 4.83 9.01
N VAL A 281 -31.50 4.50 10.19
CA VAL A 281 -30.71 4.27 11.38
C VAL A 281 -31.24 3.02 12.06
N LEU A 282 -30.34 2.13 12.50
CA LEU A 282 -30.81 0.98 13.29
C LEU A 282 -31.35 1.51 14.63
N GLN A 283 -32.61 1.25 14.93
CA GLN A 283 -33.25 1.80 16.13
C GLN A 283 -34.23 0.80 16.69
N ASP A 284 -34.51 0.90 18.00
CA ASP A 284 -35.58 0.08 18.54
C ASP A 284 -36.91 0.76 18.23
N ASP A 285 -38.01 0.23 18.78
CA ASP A 285 -39.34 0.78 18.53
C ASP A 285 -39.62 2.07 19.28
N TRP A 286 -38.71 2.52 20.13
CA TRP A 286 -38.88 3.77 20.86
C TRP A 286 -37.97 4.86 20.34
N GLY A 287 -37.33 4.64 19.20
CA GLY A 287 -36.43 5.63 18.60
C GLY A 287 -35.04 5.68 19.18
N GLN A 288 -34.64 4.72 19.96
CA GLN A 288 -33.29 4.70 20.51
C GLN A 288 -32.34 4.03 19.51
N VAL A 289 -31.22 4.71 19.17
CA VAL A 289 -30.25 4.09 18.23
C VAL A 289 -29.65 2.86 18.87
N GLN A 290 -29.51 1.77 18.08
CA GLN A 290 -28.97 0.52 18.56
CA GLN A 290 -28.98 0.49 18.51
C GLN A 290 -27.51 0.35 18.16
N ALA A 291 -26.81 -0.49 18.91
CA ALA A 291 -25.45 -0.83 18.51
C ALA A 291 -25.48 -1.69 17.23
N SER A 292 -24.56 -1.39 16.34
CA SER A 292 -24.36 -2.23 15.17
C SER A 292 -23.32 -3.34 15.52
N HIS A 293 -23.19 -4.32 14.62
CA HIS A 293 -22.13 -5.32 14.67
CA HIS A 293 -22.13 -5.31 14.69
C HIS A 293 -21.65 -5.67 13.28
N SER A 294 -20.35 -5.88 13.13
CA SER A 294 -19.78 -6.45 11.90
C SER A 294 -18.39 -6.95 12.24
N VAL A 295 -17.98 -8.03 11.58
CA VAL A 295 -16.56 -8.41 11.64
C VAL A 295 -15.68 -7.32 11.05
N SER A 296 -16.22 -6.45 10.20
CA SER A 296 -15.46 -5.37 9.56
C SER A 296 -15.64 -4.09 10.37
N ALA A 297 -14.55 -3.56 10.94
CA ALA A 297 -14.64 -2.33 11.72
C ALA A 297 -15.10 -1.13 10.90
N GLY A 298 -14.77 -1.08 9.59
CA GLY A 298 -15.22 0.06 8.82
C GLY A 298 -16.67 0.02 8.47
N LEU A 299 -17.31 -1.15 8.53
CA LEU A 299 -18.74 -1.21 8.24
C LEU A 299 -19.57 -1.25 9.52
N ASP A 300 -18.94 -1.21 10.67
CA ASP A 300 -19.65 -1.38 11.95
C ASP A 300 -20.20 -0.02 12.41
N TYR A 301 -21.35 0.35 11.83
CA TYR A 301 -21.92 1.70 12.07
C TYR A 301 -23.42 1.60 11.86
N PRO A 302 -24.25 2.19 12.72
CA PRO A 302 -25.69 1.93 12.63
C PRO A 302 -26.46 2.82 11.66
N GLY A 303 -25.84 3.79 10.99
CA GLY A 303 -26.52 4.63 10.03
C GLY A 303 -25.92 4.49 8.63
N VAL A 304 -26.51 5.23 7.69
CA VAL A 304 -26.10 5.21 6.27
C VAL A 304 -26.28 6.62 5.74
N GLY A 305 -25.48 6.99 4.73
CA GLY A 305 -25.58 8.33 4.18
C GLY A 305 -26.97 8.60 3.58
N PRO A 306 -27.46 9.82 3.72
CA PRO A 306 -28.81 10.12 3.19
C PRO A 306 -28.91 10.02 1.67
N GLU A 307 -27.80 10.24 0.94
CA GLU A 307 -27.89 10.05 -0.50
C GLU A 307 -28.21 8.59 -0.87
N HIS A 308 -27.70 7.62 -0.11
CA HIS A 308 -28.06 6.22 -0.36
C HIS A 308 -29.51 5.93 0.03
N ALA A 309 -30.00 6.51 1.13
CA ALA A 309 -31.42 6.38 1.47
C ALA A 309 -32.29 6.82 0.30
N TYR A 310 -31.91 7.95 -0.31
CA TYR A 310 -32.60 8.47 -1.48
C TYR A 310 -32.47 7.54 -2.69
N TRP A 311 -31.22 7.09 -2.99
CA TRP A 311 -31.06 6.18 -4.14
C TRP A 311 -31.85 4.90 -3.95
N ARG A 312 -31.88 4.35 -2.74
CA ARG A 312 -32.64 3.13 -2.54
CA ARG A 312 -32.64 3.13 -2.54
C ARG A 312 -34.12 3.37 -2.80
N GLU A 313 -34.66 4.45 -2.24
CA GLU A 313 -36.11 4.72 -2.37
C GLU A 313 -36.52 4.94 -3.82
N THR A 314 -35.68 5.56 -4.61
CA THR A 314 -35.99 5.83 -6.01
C THR A 314 -35.57 4.70 -6.95
N GLY A 315 -34.98 3.64 -6.41
CA GLY A 315 -34.54 2.51 -7.22
C GLY A 315 -33.35 2.78 -8.10
N LYS A 316 -32.58 3.85 -7.85
CA LYS A 316 -31.41 4.13 -8.69
C LYS A 316 -30.23 3.23 -8.34
N VAL A 317 -30.21 2.71 -7.12
CA VAL A 317 -29.22 1.73 -6.68
C VAL A 317 -29.97 0.62 -5.94
N LEU A 318 -29.51 -0.64 -6.10
CA LEU A 318 -30.08 -1.80 -5.40
CA LEU A 318 -30.08 -1.79 -5.41
C LEU A 318 -29.18 -2.16 -4.24
N TYR A 319 -29.77 -2.51 -3.10
CA TYR A 319 -28.98 -2.83 -1.91
C TYR A 319 -29.29 -4.22 -1.40
N ASP A 320 -28.27 -4.86 -0.86
CA ASP A 320 -28.40 -6.17 -0.23
C ASP A 320 -27.28 -6.29 0.80
N ALA A 321 -27.13 -7.49 1.39
CA ALA A 321 -26.08 -7.67 2.41
C ALA A 321 -25.44 -9.03 2.24
N VAL A 322 -24.27 -9.19 2.87
CA VAL A 322 -23.65 -10.51 3.02
C VAL A 322 -23.18 -10.62 4.46
N THR A 323 -22.94 -11.85 4.89
CA THR A 323 -22.65 -12.11 6.30
C THR A 323 -21.14 -12.00 6.59
N ASP A 324 -20.80 -11.90 7.88
CA ASP A 324 -19.40 -11.96 8.33
C ASP A 324 -18.67 -13.13 7.66
N GLU A 325 -19.29 -14.33 7.71
CA GLU A 325 -18.61 -15.50 7.16
C GLU A 325 -18.43 -15.42 5.65
N GLU A 326 -19.42 -14.90 4.93
CA GLU A 326 -19.27 -14.71 3.48
C GLU A 326 -18.13 -13.73 3.19
N ALA A 327 -18.04 -12.65 3.97
CA ALA A 327 -16.94 -11.70 3.74
C ALA A 327 -15.57 -12.33 4.02
N LEU A 328 -15.45 -13.07 5.13
CA LEU A 328 -14.21 -13.79 5.43
C LEU A 328 -13.82 -14.74 4.29
N ASP A 329 -14.80 -15.49 3.76
CA ASP A 329 -14.50 -16.34 2.62
C ASP A 329 -13.94 -15.53 1.45
N ALA A 330 -14.51 -14.37 1.17
CA ALA A 330 -14.10 -13.57 0.00
C ALA A 330 -12.73 -12.97 0.21
N PHE A 331 -12.40 -12.60 1.45
CA PHE A 331 -11.07 -12.10 1.83
C PHE A 331 -9.99 -13.14 1.51
N ILE A 332 -10.23 -14.37 1.96
CA ILE A 332 -9.33 -15.49 1.66
C ILE A 332 -9.28 -15.80 0.17
N GLU A 333 -10.43 -15.77 -0.49
CA GLU A 333 -10.49 -16.10 -1.92
C GLU A 333 -9.66 -15.13 -2.76
N LEU A 334 -9.81 -13.80 -2.55
CA LEU A 334 -9.02 -12.90 -3.36
C LEU A 334 -7.52 -13.06 -3.08
N SER A 335 -7.18 -13.27 -1.81
CA SER A 335 -5.77 -13.39 -1.43
C SER A 335 -5.12 -14.55 -2.17
N ARG A 336 -5.85 -15.67 -2.22
CA ARG A 336 -5.35 -16.92 -2.81
C ARG A 336 -5.42 -16.91 -4.34
N LEU A 337 -6.46 -16.35 -4.92
CA LEU A 337 -6.65 -16.45 -6.37
C LEU A 337 -5.96 -15.33 -7.13
N GLU A 338 -5.93 -14.09 -6.57
CA GLU A 338 -5.38 -12.96 -7.28
C GLU A 338 -4.13 -12.41 -6.60
N GLY A 339 -3.79 -12.93 -5.43
CA GLY A 339 -2.63 -12.39 -4.74
C GLY A 339 -2.88 -10.98 -4.25
N ILE A 340 -4.13 -10.59 -4.03
CA ILE A 340 -4.46 -9.27 -3.48
C ILE A 340 -5.18 -9.50 -2.17
N ILE A 341 -4.69 -8.93 -1.07
CA ILE A 341 -5.34 -9.07 0.23
C ILE A 341 -6.29 -7.86 0.40
N PRO A 342 -7.58 -8.04 0.33
CA PRO A 342 -8.52 -6.91 0.35
C PRO A 342 -8.89 -6.54 1.77
N ALA A 343 -9.35 -5.30 1.93
CA ALA A 343 -9.91 -4.92 3.23
C ALA A 343 -11.14 -5.77 3.51
N LEU A 344 -11.38 -6.01 4.78
CA LEU A 344 -12.59 -6.78 5.10
C LEU A 344 -13.85 -6.01 4.72
N GLU A 345 -13.82 -4.67 4.68
CA GLU A 345 -14.97 -3.92 4.15
C GLU A 345 -15.26 -4.33 2.69
N SER A 346 -14.25 -4.17 1.81
CA SER A 346 -14.38 -4.48 0.39
C SER A 346 -14.75 -5.94 0.17
N SER A 347 -14.31 -6.82 1.09
CA SER A 347 -14.63 -8.26 0.98
C SER A 347 -16.14 -8.52 0.94
N HIS A 348 -16.94 -7.57 1.48
CA HIS A 348 -18.41 -7.72 1.41
C HIS A 348 -18.89 -7.54 -0.03
N ALA A 349 -18.29 -6.60 -0.77
CA ALA A 349 -18.61 -6.47 -2.18
C ALA A 349 -18.17 -7.70 -2.97
N LEU A 350 -16.93 -8.18 -2.70
CA LEU A 350 -16.42 -9.37 -3.41
C LEU A 350 -17.28 -10.59 -3.14
N ALA A 351 -17.73 -10.73 -1.89
CA ALA A 351 -18.62 -11.86 -1.55
C ALA A 351 -19.90 -11.84 -2.37
N TYR A 352 -20.35 -10.65 -2.82
CA TYR A 352 -21.62 -10.61 -3.52
C TYR A 352 -21.51 -11.21 -4.92
N LEU A 353 -20.30 -11.42 -5.43
CA LEU A 353 -20.20 -12.05 -6.76
C LEU A 353 -20.92 -13.40 -6.76
N LYS A 354 -21.02 -14.04 -5.62
CA LYS A 354 -21.70 -15.35 -5.54
C LYS A 354 -23.23 -15.20 -5.58
N LYS A 355 -23.75 -13.98 -5.49
N LYS A 355 -23.76 -13.98 -5.47
CA LYS A 355 -25.19 -13.74 -5.37
CA LYS A 355 -25.20 -13.76 -5.34
C LYS A 355 -25.85 -13.26 -6.64
C LYS A 355 -25.83 -13.08 -6.57
N ILE A 356 -25.11 -12.98 -7.68
CA ILE A 356 -25.70 -12.38 -8.86
C ILE A 356 -25.45 -13.36 -10.01
N ASN A 357 -26.35 -13.35 -10.98
CA ASN A 357 -26.15 -14.27 -12.13
C ASN A 357 -25.18 -13.58 -13.06
N ILE A 358 -23.87 -13.87 -12.96
CA ILE A 358 -22.93 -13.05 -13.69
C ILE A 358 -22.24 -13.78 -14.82
N LYS A 359 -22.66 -15.01 -15.17
CA LYS A 359 -22.05 -15.65 -16.34
C LYS A 359 -22.14 -14.75 -17.57
N GLY A 360 -20.99 -14.49 -18.19
CA GLY A 360 -20.88 -13.60 -19.35
C GLY A 360 -20.89 -12.11 -19.05
N LYS A 361 -21.05 -11.71 -17.81
CA LYS A 361 -21.29 -10.31 -17.53
C LYS A 361 -19.99 -9.60 -17.18
N VAL A 362 -20.01 -8.29 -17.43
CA VAL A 362 -18.91 -7.41 -17.06
C VAL A 362 -19.26 -6.81 -15.69
N VAL A 363 -18.42 -7.05 -14.67
CA VAL A 363 -18.73 -6.63 -13.29
C VAL A 363 -17.53 -5.84 -12.79
N VAL A 364 -17.75 -4.60 -12.32
CA VAL A 364 -16.71 -3.84 -11.66
C VAL A 364 -16.95 -3.92 -10.17
N VAL A 365 -15.92 -4.32 -9.38
CA VAL A 365 -16.00 -4.32 -7.93
C VAL A 365 -15.11 -3.19 -7.46
N ASN A 366 -15.62 -2.34 -6.58
CA ASN A 366 -14.77 -1.29 -6.03
C ASN A 366 -13.90 -1.91 -4.93
N LEU A 367 -12.59 -2.06 -5.16
CA LEU A 367 -11.70 -2.60 -4.12
C LEU A 367 -11.27 -1.40 -3.28
N SER A 368 -12.08 -1.11 -2.23
CA SER A 368 -11.94 0.19 -1.57
C SER A 368 -10.65 0.29 -0.74
N GLY A 369 -10.09 -0.84 -0.28
CA GLY A 369 -8.79 -0.70 0.37
C GLY A 369 -8.13 -2.05 0.58
N ARG A 370 -6.94 -1.99 1.17
CA ARG A 370 -6.20 -3.25 1.33
C ARG A 370 -6.39 -3.77 2.74
N GLY A 371 -6.08 -5.04 2.92
CA GLY A 371 -6.44 -5.78 4.11
C GLY A 371 -5.33 -6.01 5.11
N ASP A 372 -4.21 -5.29 5.01
CA ASP A 372 -3.14 -5.51 5.98
CA ASP A 372 -3.12 -5.48 5.98
C ASP A 372 -3.61 -5.24 7.41
N LYS A 373 -4.45 -4.22 7.60
CA LYS A 373 -4.99 -3.94 8.94
C LYS A 373 -5.81 -5.10 9.51
N ASP A 374 -6.29 -6.03 8.69
CA ASP A 374 -7.21 -7.07 9.12
C ASP A 374 -6.53 -8.41 9.34
N LEU A 375 -5.22 -8.51 9.02
CA LEU A 375 -4.61 -9.84 8.99
C LEU A 375 -4.71 -10.54 10.34
N GLU A 376 -4.27 -9.87 11.39
CA GLU A 376 -4.30 -10.51 12.71
C GLU A 376 -5.73 -10.97 13.08
N SER A 377 -6.72 -10.11 12.85
CA SER A 377 -8.11 -10.47 13.16
C SER A 377 -8.63 -11.64 12.32
N VAL A 378 -8.32 -11.68 11.02
CA VAL A 378 -8.77 -12.80 10.20
C VAL A 378 -8.06 -14.08 10.62
N LEU A 379 -6.74 -14.04 10.79
CA LEU A 379 -5.96 -15.25 11.11
C LEU A 379 -6.39 -15.86 12.43
N ASN A 380 -6.84 -15.03 13.38
CA ASN A 380 -7.35 -15.51 14.68
C ASN A 380 -8.85 -15.76 14.72
N HIS A 381 -9.60 -15.47 13.66
CA HIS A 381 -11.06 -15.58 13.74
C HIS A 381 -11.47 -17.05 13.88
N PRO A 382 -12.46 -17.35 14.75
CA PRO A 382 -12.89 -18.77 14.95
C PRO A 382 -13.32 -19.48 13.69
N TYR A 383 -14.06 -18.79 12.82
CA TYR A 383 -14.50 -19.37 11.56
C TYR A 383 -13.33 -19.68 10.66
N VAL A 384 -12.33 -18.81 10.63
CA VAL A 384 -11.15 -19.10 9.84
C VAL A 384 -10.32 -20.17 10.53
N ARG A 385 -10.30 -20.17 11.87
CA ARG A 385 -9.61 -21.23 12.60
C ARG A 385 -10.18 -22.60 12.22
N GLU A 386 -11.50 -22.71 12.13
CA GLU A 386 -12.18 -23.92 11.62
C GLU A 386 -12.04 -24.08 10.10
N ARG A 387 -10.87 -23.80 9.52
CA ARG A 387 -10.66 -23.95 8.07
C ARG A 387 -9.21 -24.34 7.82
N LYS B 2 27.26 -11.45 -20.95
CA LYS B 2 28.12 -12.63 -20.80
C LYS B 2 28.33 -13.00 -19.33
N GLY B 3 27.82 -12.15 -18.44
CA GLY B 3 27.80 -12.45 -17.02
C GLY B 3 28.80 -11.68 -16.20
N ASN B 4 29.81 -11.07 -16.83
CA ASN B 4 30.89 -10.41 -16.11
C ASN B 4 30.70 -8.91 -16.24
N PHE B 5 30.79 -8.21 -15.12
CA PHE B 5 30.77 -6.76 -15.07
C PHE B 5 32.22 -6.44 -14.73
N GLY B 6 33.06 -6.13 -15.72
CA GLY B 6 34.49 -6.17 -15.47
C GLY B 6 34.89 -7.54 -14.92
N PRO B 7 35.58 -7.56 -13.78
CA PRO B 7 36.02 -8.83 -13.19
C PRO B 7 34.97 -9.47 -12.30
N TYR B 8 33.85 -8.80 -12.12
CA TYR B 8 32.85 -9.26 -11.15
C TYR B 8 31.75 -10.07 -11.84
N GLY B 9 31.06 -10.88 -11.02
CA GLY B 9 29.86 -11.55 -11.47
C GLY B 9 30.14 -13.03 -11.74
N GLY B 10 29.89 -13.48 -12.99
CA GLY B 10 30.16 -14.88 -13.32
C GLY B 10 29.10 -15.87 -12.87
N GLN B 11 29.47 -17.16 -12.96
CA GLN B 11 28.60 -18.26 -12.53
C GLN B 11 29.36 -19.16 -11.57
N ASN B 12 29.39 -18.79 -10.30
CA ASN B 12 30.26 -19.45 -9.30
C ASN B 12 29.39 -20.34 -8.44
N VAL B 13 29.11 -21.53 -8.96
CA VAL B 13 28.05 -22.38 -8.41
C VAL B 13 28.53 -23.83 -8.43
N PRO B 14 27.92 -24.68 -7.61
CA PRO B 14 28.05 -26.14 -7.81
C PRO B 14 27.78 -26.52 -9.25
N GLU B 15 28.53 -27.50 -9.75
CA GLU B 15 28.32 -27.96 -11.14
C GLU B 15 26.89 -28.40 -11.43
N ILE B 16 26.20 -28.97 -10.43
CA ILE B 16 24.81 -29.42 -10.63
C ILE B 16 23.89 -28.29 -11.10
N LEU B 17 24.25 -27.02 -10.90
CA LEU B 17 23.36 -25.93 -11.33
C LEU B 17 23.61 -25.47 -12.75
N MET B 18 24.65 -25.97 -13.42
CA MET B 18 25.03 -25.30 -14.67
C MET B 18 24.00 -25.58 -15.76
N GLY B 19 23.44 -26.78 -15.80
CA GLY B 19 22.42 -27.08 -16.82
C GLY B 19 21.18 -26.20 -16.65
N ALA B 20 20.69 -26.07 -15.42
CA ALA B 20 19.57 -25.15 -15.13
C ALA B 20 19.88 -23.73 -15.52
N LEU B 21 21.11 -23.25 -15.27
CA LEU B 21 21.41 -21.88 -15.64
C LEU B 21 21.50 -21.70 -17.15
N GLU B 22 22.01 -22.73 -17.85
CA GLU B 22 22.06 -22.65 -19.31
C GLU B 22 20.65 -22.61 -19.87
N GLU B 23 19.77 -23.42 -19.34
CA GLU B 23 18.37 -23.40 -19.78
C GLU B 23 17.69 -22.07 -19.45
N LEU B 24 17.98 -21.49 -18.28
CA LEU B 24 17.39 -20.18 -17.94
C LEU B 24 17.88 -19.10 -18.89
N GLU B 25 19.18 -19.08 -19.17
CA GLU B 25 19.70 -18.06 -20.07
C GLU B 25 19.07 -18.20 -21.45
N ALA B 26 18.89 -19.44 -21.91
CA ALA B 26 18.27 -19.65 -23.22
C ALA B 26 16.81 -19.22 -23.24
N ALA B 27 16.05 -19.56 -22.19
CA ALA B 27 14.66 -19.13 -22.11
C ALA B 27 14.59 -17.60 -22.05
N TYR B 28 15.45 -16.97 -21.26
CA TYR B 28 15.42 -15.51 -21.15
C TYR B 28 15.75 -14.85 -22.49
N GLU B 29 16.82 -15.29 -23.16
CA GLU B 29 17.08 -14.74 -24.49
C GLU B 29 15.87 -14.93 -25.41
N GLY B 30 15.16 -16.04 -25.28
CA GLY B 30 14.00 -16.27 -26.13
C GLY B 30 12.85 -15.29 -25.89
N ILE B 31 12.65 -14.85 -24.64
CA ILE B 31 11.56 -13.88 -24.42
C ILE B 31 11.95 -12.44 -24.77
N MET B 32 13.25 -12.10 -24.87
CA MET B 32 13.64 -10.73 -25.20
C MET B 32 12.98 -10.20 -26.46
N LYS B 33 12.67 -11.07 -27.40
CA LYS B 33 12.04 -10.65 -28.64
C LYS B 33 10.58 -11.05 -28.72
N ASP B 34 9.99 -11.52 -27.62
CA ASP B 34 8.65 -12.11 -27.67
C ASP B 34 7.63 -11.05 -27.27
N GLU B 35 6.89 -10.53 -28.27
CA GLU B 35 5.98 -9.44 -28.00
C GLU B 35 4.88 -9.87 -27.06
N SER B 36 4.47 -11.14 -27.12
CA SER B 36 3.38 -11.57 -26.27
C SER B 36 3.82 -11.67 -24.78
N PHE B 37 5.07 -12.02 -24.50
CA PHE B 37 5.59 -11.95 -23.12
C PHE B 37 5.52 -10.53 -22.60
N TRP B 38 6.12 -9.57 -23.32
CA TRP B 38 6.15 -8.19 -22.84
C TRP B 38 4.75 -7.59 -22.78
N LYS B 39 3.84 -7.96 -23.68
CA LYS B 39 2.47 -7.45 -23.55
C LYS B 39 1.85 -7.88 -22.20
N GLU B 40 1.94 -9.18 -21.90
CA GLU B 40 1.35 -9.70 -20.67
C GLU B 40 2.04 -9.07 -19.46
N TYR B 41 3.36 -9.00 -19.52
CA TYR B 41 4.13 -8.45 -18.38
C TYR B 41 3.82 -6.97 -18.15
N ASN B 42 3.87 -6.17 -19.23
CA ASN B 42 3.65 -4.74 -19.07
C ASN B 42 2.20 -4.40 -18.71
N ASP B 43 1.22 -5.19 -19.19
CA ASP B 43 -0.17 -5.00 -18.75
C ASP B 43 -0.31 -5.29 -17.27
N LEU B 44 0.40 -6.33 -16.76
CA LEU B 44 0.35 -6.58 -15.31
C LEU B 44 1.02 -5.47 -14.53
N LEU B 45 2.17 -4.97 -15.03
CA LEU B 45 2.83 -3.86 -14.31
C LEU B 45 1.87 -2.66 -14.17
N ARG B 46 1.10 -2.39 -15.23
CA ARG B 46 0.16 -1.24 -15.24
C ARG B 46 -1.01 -1.47 -14.31
N ASP B 47 -1.74 -2.55 -14.51
CA ASP B 47 -3.01 -2.72 -13.78
C ASP B 47 -2.90 -3.50 -12.49
N TYR B 48 -1.93 -4.40 -12.36
CA TYR B 48 -1.78 -5.19 -11.16
C TYR B 48 -0.85 -4.53 -10.17
N ALA B 49 0.29 -4.04 -10.64
CA ALA B 49 1.27 -3.43 -9.74
C ALA B 49 1.04 -1.95 -9.57
N GLY B 50 0.48 -1.29 -10.58
CA GLY B 50 0.24 0.14 -10.50
C GLY B 50 1.23 1.06 -11.19
N ARG B 51 2.08 0.59 -12.13
CA ARG B 51 3.02 1.49 -12.82
C ARG B 51 2.30 2.34 -13.89
N PRO B 52 2.85 3.55 -14.22
CA PRO B 52 4.04 4.21 -13.60
C PRO B 52 3.77 4.71 -12.22
N THR B 53 4.79 4.66 -11.37
CA THR B 53 4.67 5.30 -10.08
C THR B 53 4.99 6.80 -10.24
N PRO B 54 4.43 7.62 -9.37
CA PRO B 54 4.63 9.07 -9.48
C PRO B 54 6.01 9.51 -9.00
N LEU B 55 6.40 10.69 -9.46
CA LEU B 55 7.61 11.35 -8.99
C LEU B 55 7.06 12.54 -8.19
N TYR B 56 7.20 12.51 -6.88
CA TYR B 56 6.48 13.38 -5.95
C TYR B 56 7.40 14.51 -5.44
N PHE B 57 6.96 15.76 -5.59
CA PHE B 57 7.77 16.85 -5.04
C PHE B 57 7.52 17.01 -3.54
N ALA B 58 8.56 16.80 -2.73
CA ALA B 58 8.43 16.74 -1.28
C ALA B 58 8.65 18.16 -0.77
N ARG B 59 7.58 18.95 -0.73
CA ARG B 59 7.74 20.39 -0.53
C ARG B 59 8.35 20.69 0.83
N ARG B 60 7.96 19.97 1.87
CA ARG B 60 8.47 20.30 3.22
C ARG B 60 9.92 19.84 3.40
N LEU B 61 10.28 18.70 2.82
CA LEU B 61 11.69 18.23 2.89
C LEU B 61 12.54 19.20 2.07
N SER B 62 12.02 19.68 0.95
CA SER B 62 12.76 20.62 0.07
C SER B 62 13.02 21.92 0.84
N GLU B 63 12.00 22.44 1.51
CA GLU B 63 12.16 23.63 2.36
C GLU B 63 13.19 23.39 3.45
N LYS B 64 13.14 22.24 4.11
CA LYS B 64 14.08 21.96 5.19
C LYS B 64 15.54 21.98 4.73
N TYR B 65 15.84 21.43 3.55
CA TYR B 65 17.22 21.29 3.08
C TYR B 65 17.61 22.32 2.06
N GLY B 66 16.71 23.27 1.77
CA GLY B 66 16.96 24.29 0.76
C GLY B 66 17.20 23.77 -0.62
N ALA B 67 16.60 22.62 -0.97
CA ALA B 67 16.85 21.91 -2.23
C ALA B 67 15.48 21.62 -2.90
N ARG B 68 15.49 21.01 -4.07
CA ARG B 68 14.27 20.51 -4.71
C ARG B 68 14.39 18.99 -4.64
N VAL B 69 13.68 18.40 -3.66
CA VAL B 69 13.74 16.96 -3.39
C VAL B 69 12.49 16.29 -3.97
N TYR B 70 12.69 15.29 -4.82
CA TYR B 70 11.60 14.51 -5.39
C TYR B 70 11.76 13.07 -4.90
N LEU B 71 10.65 12.40 -4.61
CA LEU B 71 10.66 11.00 -4.17
C LEU B 71 10.05 10.20 -5.31
N LYS B 72 10.79 9.20 -5.79
CA LYS B 72 10.23 8.24 -6.73
C LYS B 72 9.41 7.22 -5.96
N ARG B 73 8.10 7.15 -6.19
CA ARG B 73 7.18 6.52 -5.21
C ARG B 73 6.99 5.03 -5.46
N GLU B 74 8.09 4.24 -5.36
CA GLU B 74 7.90 2.76 -5.46
C GLU B 74 7.10 2.19 -4.29
N ASP B 75 6.97 2.93 -3.18
CA ASP B 75 6.11 2.53 -2.08
C ASP B 75 4.64 2.40 -2.47
N LEU B 76 4.21 3.00 -3.57
CA LEU B 76 2.79 2.95 -4.03
C LEU B 76 2.49 1.73 -4.88
N LEU B 77 3.49 0.90 -5.17
CA LEU B 77 3.22 -0.33 -5.89
C LEU B 77 2.41 -1.31 -5.05
N HIS B 78 1.70 -2.21 -5.77
CA HIS B 78 1.13 -3.36 -5.10
C HIS B 78 2.20 -4.10 -4.29
N THR B 79 1.89 -4.43 -3.01
CA THR B 79 2.74 -5.07 -1.99
C THR B 79 3.65 -4.06 -1.31
N GLY B 80 3.79 -2.86 -1.84
CA GLY B 80 4.51 -1.85 -1.05
C GLY B 80 6.00 -1.70 -1.31
N ALA B 81 6.55 -2.32 -2.36
CA ALA B 81 8.00 -2.15 -2.61
C ALA B 81 8.31 -2.46 -4.06
N HIS B 82 9.48 -1.98 -4.53
CA HIS B 82 9.94 -2.29 -5.88
C HIS B 82 10.07 -3.78 -6.16
N LYS B 83 10.08 -4.64 -5.13
CA LYS B 83 10.31 -6.07 -5.36
C LYS B 83 9.30 -6.66 -6.34
N ILE B 84 8.06 -6.12 -6.35
CA ILE B 84 7.06 -6.69 -7.26
C ILE B 84 7.46 -6.59 -8.75
N ASN B 85 8.21 -5.56 -9.17
CA ASN B 85 8.60 -5.45 -10.60
C ASN B 85 9.30 -6.72 -11.05
N ASN B 86 10.23 -7.18 -10.23
CA ASN B 86 11.04 -8.37 -10.54
C ASN B 86 10.27 -9.66 -10.28
N ALA B 87 9.48 -9.71 -9.19
CA ALA B 87 8.76 -10.95 -8.89
C ALA B 87 7.76 -11.30 -9.99
N ILE B 88 7.00 -10.32 -10.48
CA ILE B 88 6.04 -10.63 -11.56
C ILE B 88 6.77 -11.17 -12.79
N GLY B 89 7.87 -10.52 -13.17
CA GLY B 89 8.58 -10.92 -14.39
C GLY B 89 9.20 -12.30 -14.27
N GLN B 90 9.78 -12.64 -13.12
CA GLN B 90 10.43 -13.96 -13.02
C GLN B 90 9.41 -15.06 -12.83
N VAL B 91 8.29 -14.79 -12.12
CA VAL B 91 7.32 -15.86 -12.04
C VAL B 91 6.62 -16.08 -13.39
N LEU B 92 6.40 -15.03 -14.16
CA LEU B 92 5.91 -15.22 -15.53
C LEU B 92 6.87 -16.06 -16.37
N LEU B 93 8.18 -15.76 -16.28
CA LEU B 93 9.17 -16.62 -16.95
C LEU B 93 9.10 -18.06 -16.47
N ALA B 94 9.00 -18.26 -15.14
CA ALA B 94 8.92 -19.62 -14.59
C ALA B 94 7.73 -20.36 -15.19
N LYS B 95 6.57 -19.69 -15.25
CA LYS B 95 5.38 -20.30 -15.86
C LYS B 95 5.65 -20.68 -17.30
N LEU B 96 6.28 -19.77 -18.03
CA LEU B 96 6.49 -20.04 -19.44
C LEU B 96 7.51 -21.17 -19.66
N MET B 97 8.46 -21.36 -18.75
CA MET B 97 9.41 -22.47 -18.72
C MET B 97 8.77 -23.81 -18.26
N GLY B 98 7.50 -23.83 -17.86
CA GLY B 98 6.81 -25.03 -17.39
C GLY B 98 7.09 -25.45 -15.96
N LYS B 99 7.71 -24.58 -15.16
CA LYS B 99 7.90 -24.90 -13.74
C LYS B 99 6.56 -24.81 -13.01
N THR B 100 6.44 -25.53 -11.88
CA THR B 100 5.19 -25.53 -11.15
C THR B 100 5.33 -25.04 -9.73
N ARG B 101 6.54 -24.68 -9.32
CA ARG B 101 6.80 -24.36 -7.92
C ARG B 101 7.85 -23.25 -7.90
N ILE B 102 7.71 -22.31 -6.95
CA ILE B 102 8.62 -21.18 -6.81
C ILE B 102 9.31 -21.26 -5.46
N THR B 103 10.61 -20.91 -5.38
CA THR B 103 11.21 -20.76 -4.06
C THR B 103 12.08 -19.52 -4.07
N ALA B 104 12.22 -18.95 -2.87
CA ALA B 104 13.00 -17.73 -2.68
C ALA B 104 13.33 -17.60 -1.20
N GLY B 105 14.29 -16.71 -0.93
CA GLY B 105 14.48 -16.26 0.45
C GLY B 105 14.09 -14.79 0.59
N THR B 106 13.90 -14.33 1.83
CA THR B 106 13.50 -12.92 2.01
C THR B 106 14.02 -12.48 3.36
N GLY B 107 14.34 -11.19 3.45
CA GLY B 107 14.77 -10.58 4.71
C GLY B 107 13.74 -9.62 5.26
N ALA B 108 13.49 -8.51 4.55
CA ALA B 108 12.41 -7.61 4.95
C ALA B 108 11.03 -8.28 4.79
N GLY B 109 10.97 -9.39 4.04
CA GLY B 109 9.70 -10.04 3.68
C GLY B 109 8.99 -9.41 2.51
N GLN B 110 9.52 -8.30 1.97
CA GLN B 110 8.88 -7.69 0.78
C GLN B 110 9.06 -8.58 -0.45
N HIS B 111 10.27 -9.10 -0.65
CA HIS B 111 10.44 -10.01 -1.77
C HIS B 111 9.61 -11.29 -1.55
N GLY B 112 9.58 -11.78 -0.32
CA GLY B 112 8.74 -12.95 -0.02
C GLY B 112 7.26 -12.68 -0.37
N VAL B 113 6.72 -11.56 0.08
CA VAL B 113 5.34 -11.20 -0.27
C VAL B 113 5.18 -11.00 -1.77
N ALA B 114 6.12 -10.28 -2.41
CA ALA B 114 5.95 -10.03 -3.85
C ALA B 114 5.96 -11.36 -4.62
N THR B 115 6.84 -12.26 -4.21
CA THR B 115 6.96 -13.54 -4.93
C THR B 115 5.73 -14.40 -4.67
N ALA B 116 5.25 -14.39 -3.41
CA ALA B 116 4.01 -15.10 -3.07
C ALA B 116 2.80 -14.56 -3.83
N THR B 117 2.73 -13.24 -4.01
CA THR B 117 1.65 -12.63 -4.74
C THR B 117 1.64 -13.09 -6.20
N ALA B 118 2.82 -13.05 -6.83
CA ALA B 118 2.89 -13.49 -8.22
C ALA B 118 2.62 -14.97 -8.35
N ALA B 119 3.07 -15.78 -7.40
CA ALA B 119 2.79 -17.22 -7.45
C ALA B 119 1.31 -17.47 -7.31
N ALA B 120 0.64 -16.68 -6.47
CA ALA B 120 -0.80 -16.87 -6.32
C ALA B 120 -1.49 -16.52 -7.62
N LEU B 121 -1.14 -15.39 -8.21
CA LEU B 121 -1.74 -14.97 -9.47
C LEU B 121 -1.56 -16.04 -10.56
N PHE B 122 -0.40 -16.67 -10.60
CA PHE B 122 -0.16 -17.62 -11.66
C PHE B 122 -0.44 -19.06 -11.26
N GLY B 123 -1.05 -19.29 -10.10
CA GLY B 123 -1.37 -20.64 -9.63
C GLY B 123 -0.22 -21.59 -9.41
N MET B 124 0.90 -21.12 -8.84
CA MET B 124 2.09 -21.94 -8.59
C MET B 124 2.27 -22.19 -7.09
N GLU B 125 2.76 -23.37 -6.70
CA GLU B 125 3.21 -23.58 -5.33
C GLU B 125 4.31 -22.58 -4.99
N CYS B 126 4.33 -22.08 -3.74
CA CYS B 126 5.37 -21.12 -3.33
C CYS B 126 5.90 -21.45 -1.95
N VAL B 127 7.23 -21.58 -1.81
CA VAL B 127 7.87 -21.84 -0.52
C VAL B 127 8.90 -20.75 -0.29
N ILE B 128 8.75 -19.98 0.78
CA ILE B 128 9.65 -18.86 1.05
C ILE B 128 10.45 -19.15 2.30
N TYR B 129 11.78 -18.95 2.24
CA TYR B 129 12.62 -19.14 3.43
C TYR B 129 12.89 -17.78 4.06
N MET B 130 12.86 -17.70 5.41
CA MET B 130 13.07 -16.40 6.03
C MET B 130 13.77 -16.61 7.37
N GLY B 131 14.85 -15.88 7.61
CA GLY B 131 15.56 -16.05 8.88
C GLY B 131 14.63 -15.82 10.08
N GLU B 132 14.81 -16.65 11.12
CA GLU B 132 13.91 -16.57 12.27
C GLU B 132 13.88 -15.17 12.89
N GLU B 133 14.99 -14.48 12.91
CA GLU B 133 14.98 -13.13 13.48
C GLU B 133 14.11 -12.21 12.64
N ASP B 134 14.14 -12.40 11.33
CA ASP B 134 13.33 -11.56 10.45
C ASP B 134 11.85 -11.92 10.53
N THR B 135 11.51 -13.20 10.80
CA THR B 135 10.09 -13.50 11.00
C THR B 135 9.52 -12.76 12.21
N ILE B 136 10.38 -12.28 13.10
CA ILE B 136 9.97 -11.53 14.28
C ILE B 136 9.94 -10.04 14.01
N ARG B 137 11.00 -9.48 13.41
CA ARG B 137 10.99 -8.03 13.25
C ARG B 137 10.23 -7.59 12.01
N GLN B 138 9.82 -8.54 11.14
CA GLN B 138 9.02 -8.22 9.95
C GLN B 138 7.78 -9.10 9.92
N LYS B 139 7.15 -9.27 11.08
CA LYS B 139 6.04 -10.21 11.22
C LYS B 139 4.85 -9.89 10.30
N LEU B 140 4.61 -8.62 9.99
CA LEU B 140 3.47 -8.30 9.12
C LEU B 140 3.61 -9.06 7.80
N ASN B 141 4.86 -9.22 7.32
CA ASN B 141 5.01 -9.84 6.00
C ASN B 141 4.84 -11.34 6.08
N VAL B 142 5.12 -11.94 7.25
CA VAL B 142 4.82 -13.36 7.41
C VAL B 142 3.34 -13.59 7.32
N GLU B 143 2.56 -12.71 7.99
CA GLU B 143 1.11 -12.84 7.94
C GLU B 143 0.62 -12.73 6.50
N ARG B 144 1.15 -11.74 5.76
CA ARG B 144 0.73 -11.56 4.37
C ARG B 144 1.03 -12.80 3.53
N MET B 145 2.26 -13.35 3.67
CA MET B 145 2.62 -14.56 2.89
C MET B 145 1.69 -15.70 3.17
N LYS B 146 1.30 -15.88 4.44
CA LYS B 146 0.39 -16.97 4.81
C LYS B 146 -0.98 -16.79 4.14
N LEU B 147 -1.52 -15.57 4.18
CA LEU B 147 -2.81 -15.36 3.45
C LEU B 147 -2.67 -15.62 1.95
N LEU B 148 -1.53 -15.29 1.36
CA LEU B 148 -1.30 -15.50 -0.07
C LEU B 148 -1.12 -16.97 -0.46
N GLY B 149 -1.10 -17.87 0.49
CA GLY B 149 -0.97 -19.28 0.22
C GLY B 149 0.43 -19.81 0.14
N ALA B 150 1.44 -19.01 0.49
CA ALA B 150 2.81 -19.49 0.47
C ALA B 150 3.15 -20.20 1.79
N LYS B 151 4.05 -21.17 1.72
CA LYS B 151 4.63 -21.73 2.92
C LYS B 151 5.82 -20.86 3.36
N VAL B 152 5.87 -20.43 4.63
CA VAL B 152 7.00 -19.64 5.15
C VAL B 152 7.81 -20.56 6.04
N VAL B 153 9.08 -20.80 5.71
CA VAL B 153 9.95 -21.66 6.49
C VAL B 153 10.95 -20.80 7.28
N PRO B 154 10.85 -20.75 8.61
CA PRO B 154 11.82 -19.95 9.39
C PRO B 154 13.16 -20.67 9.41
N VAL B 155 14.24 -19.91 9.21
CA VAL B 155 15.56 -20.48 9.13
C VAL B 155 16.29 -20.14 10.42
N LYS B 156 16.65 -21.17 11.18
CA LYS B 156 17.15 -20.98 12.54
C LYS B 156 18.67 -21.11 12.62
N SER B 157 19.35 -21.29 11.51
CA SER B 157 20.79 -21.45 11.48
C SER B 157 21.54 -20.13 11.26
N GLY B 158 22.85 -20.17 11.52
CA GLY B 158 23.69 -19.01 11.31
C GLY B 158 23.17 -17.79 12.05
N SER B 159 23.15 -16.64 11.34
CA SER B 159 22.69 -15.38 11.94
C SER B 159 21.17 -15.22 11.88
N ARG B 160 20.45 -16.24 11.37
CA ARG B 160 18.97 -16.26 11.34
C ARG B 160 18.41 -15.03 10.60
N THR B 161 19.11 -14.54 9.57
CA THR B 161 18.64 -13.40 8.79
C THR B 161 18.80 -13.75 7.30
N LEU B 162 18.87 -12.73 6.44
CA LEU B 162 18.69 -12.92 5.00
C LEU B 162 19.76 -13.87 4.40
N LYS B 163 21.05 -13.71 4.75
CA LYS B 163 22.07 -14.61 4.16
C LYS B 163 21.66 -16.06 4.38
N ASP B 164 21.22 -16.41 5.61
CA ASP B 164 20.89 -17.80 5.95
C ASP B 164 19.60 -18.23 5.25
N ALA B 165 18.66 -17.29 5.07
CA ALA B 165 17.47 -17.61 4.29
C ALA B 165 17.80 -17.96 2.83
N ILE B 166 18.68 -17.18 2.20
CA ILE B 166 19.08 -17.49 0.83
C ILE B 166 19.81 -18.82 0.77
N ASP B 167 20.71 -19.07 1.74
CA ASP B 167 21.39 -20.38 1.77
C ASP B 167 20.37 -21.51 1.64
N GLU B 168 19.28 -21.41 2.42
CA GLU B 168 18.32 -22.50 2.44
C GLU B 168 17.43 -22.52 1.19
N ALA B 169 17.10 -21.36 0.62
CA ALA B 169 16.34 -21.37 -0.64
C ALA B 169 17.17 -22.01 -1.76
N LEU B 170 18.48 -21.73 -1.77
CA LEU B 170 19.33 -22.34 -2.81
C LEU B 170 19.41 -23.85 -2.61
N ARG B 171 19.51 -24.30 -1.35
CA ARG B 171 19.46 -25.75 -1.08
C ARG B 171 18.17 -26.33 -1.59
N ASP B 172 17.05 -25.63 -1.37
CA ASP B 172 15.75 -26.10 -1.86
C ASP B 172 15.73 -26.20 -3.38
N TRP B 173 16.21 -25.16 -4.06
CA TRP B 173 16.28 -25.18 -5.53
C TRP B 173 17.03 -26.41 -6.04
N ILE B 174 18.22 -26.65 -5.48
CA ILE B 174 19.08 -27.73 -5.97
C ILE B 174 18.38 -29.07 -5.76
N THR B 175 17.59 -29.20 -4.70
CA THR B 175 16.85 -30.42 -4.40
C THR B 175 15.65 -30.61 -5.32
N ASN B 176 15.17 -29.52 -5.95
CA ASN B 176 13.90 -29.50 -6.65
C ASN B 176 14.05 -28.92 -8.04
N LEU B 177 15.15 -29.23 -8.72
CA LEU B 177 15.49 -28.51 -9.97
C LEU B 177 14.48 -28.72 -11.09
N GLN B 178 13.82 -29.88 -11.15
CA GLN B 178 12.86 -30.07 -12.25
C GLN B 178 11.60 -29.22 -12.09
N THR B 179 11.09 -29.08 -10.86
CA THR B 179 9.78 -28.45 -10.67
C THR B 179 9.87 -26.95 -10.37
N THR B 180 11.01 -26.51 -9.86
CA THR B 180 11.09 -25.27 -9.08
C THR B 180 11.96 -24.24 -9.76
N TYR B 181 11.46 -23.00 -9.78
CA TYR B 181 12.22 -21.86 -10.27
C TYR B 181 12.60 -21.05 -9.04
N TYR B 182 13.89 -20.74 -8.94
CA TYR B 182 14.41 -19.94 -7.84
C TYR B 182 14.33 -18.47 -8.24
N VAL B 183 13.69 -17.66 -7.39
CA VAL B 183 13.54 -16.24 -7.71
C VAL B 183 14.42 -15.44 -6.76
N PRO B 184 15.57 -14.95 -7.21
CA PRO B 184 16.33 -14.02 -6.37
C PRO B 184 15.61 -12.69 -6.27
N GLY B 185 15.71 -12.09 -5.09
CA GLY B 185 15.09 -10.81 -4.85
C GLY B 185 15.99 -9.62 -5.02
N SER B 186 17.26 -9.85 -5.42
CA SER B 186 18.15 -8.73 -5.69
C SER B 186 19.07 -9.11 -6.85
N VAL B 187 20.03 -8.23 -7.13
CA VAL B 187 20.93 -8.42 -8.27
C VAL B 187 22.17 -9.20 -7.85
N VAL B 188 22.00 -10.19 -6.97
CA VAL B 188 23.09 -11.06 -6.52
C VAL B 188 22.72 -12.45 -6.98
N GLY B 189 23.67 -13.14 -7.56
CA GLY B 189 23.35 -14.47 -8.04
C GLY B 189 24.24 -14.80 -9.23
N PRO B 190 24.25 -16.06 -9.62
CA PRO B 190 25.00 -16.42 -10.83
C PRO B 190 24.29 -15.83 -12.04
N HIS B 191 25.08 -15.49 -13.06
CA HIS B 191 24.50 -15.14 -14.36
C HIS B 191 23.58 -16.25 -14.84
N PRO B 192 22.38 -15.93 -15.38
CA PRO B 192 21.91 -14.61 -15.82
C PRO B 192 21.12 -13.81 -14.80
N TYR B 193 21.11 -14.20 -13.52
CA TYR B 193 20.19 -13.53 -12.60
C TYR B 193 20.45 -12.04 -12.39
N PRO B 194 21.68 -11.56 -12.18
CA PRO B 194 21.83 -10.11 -11.98
C PRO B 194 21.28 -9.30 -13.13
N ILE B 195 21.47 -9.77 -14.37
CA ILE B 195 21.00 -9.04 -15.54
C ILE B 195 19.48 -9.12 -15.61
N ILE B 196 18.92 -10.29 -15.34
CA ILE B 196 17.46 -10.43 -15.37
C ILE B 196 16.81 -9.47 -14.37
N VAL B 197 17.33 -9.45 -13.14
CA VAL B 197 16.70 -8.63 -12.09
C VAL B 197 16.84 -7.17 -12.43
N ARG B 198 18.04 -6.74 -12.80
CA ARG B 198 18.23 -5.35 -13.16
C ARG B 198 17.35 -4.97 -14.35
N ASN B 199 17.16 -5.88 -15.30
CA ASN B 199 16.35 -5.50 -16.46
C ASN B 199 14.87 -5.40 -16.12
N PHE B 200 14.42 -6.09 -15.07
CA PHE B 200 13.04 -5.87 -14.61
C PHE B 200 12.92 -4.63 -13.73
N GLN B 201 14.02 -4.12 -13.17
CA GLN B 201 13.93 -2.97 -12.28
C GLN B 201 14.25 -1.66 -12.99
N LYS B 202 14.84 -1.72 -14.18
CA LYS B 202 15.32 -0.47 -14.79
C LYS B 202 14.15 0.39 -15.27
N VAL B 203 12.94 -0.17 -15.31
CA VAL B 203 11.76 0.70 -15.52
C VAL B 203 11.71 1.85 -14.51
N ILE B 204 12.24 1.66 -13.31
CA ILE B 204 12.19 2.73 -12.33
C ILE B 204 12.95 3.94 -12.85
N GLY B 205 14.22 3.74 -13.25
CA GLY B 205 14.96 4.84 -13.84
C GLY B 205 14.42 5.30 -15.18
N GLU B 206 13.86 4.40 -15.99
CA GLU B 206 13.34 4.89 -17.29
C GLU B 206 12.17 5.85 -17.08
N GLU B 207 11.27 5.51 -16.14
CA GLU B 207 10.20 6.44 -15.80
C GLU B 207 10.75 7.75 -15.25
N THR B 208 11.67 7.65 -14.27
CA THR B 208 12.24 8.84 -13.67
C THR B 208 12.84 9.76 -14.73
N LYS B 209 13.55 9.19 -15.68
CA LYS B 209 14.19 9.99 -16.72
C LYS B 209 13.16 10.73 -17.56
N LYS B 210 11.99 10.13 -17.76
CA LYS B 210 10.91 10.80 -18.49
C LYS B 210 10.16 11.81 -17.61
N GLN B 211 10.07 11.56 -16.29
CA GLN B 211 9.31 12.43 -15.41
C GLN B 211 10.07 13.68 -14.97
N ILE B 212 11.36 13.57 -14.71
CA ILE B 212 12.04 14.71 -14.09
C ILE B 212 12.07 15.94 -15.03
N PRO B 213 12.17 15.84 -16.36
CA PRO B 213 12.13 17.09 -17.16
C PRO B 213 10.76 17.75 -17.17
N GLU B 214 9.68 17.04 -16.89
CA GLU B 214 8.39 17.71 -16.68
C GLU B 214 8.35 18.53 -15.39
N LYS B 215 9.21 18.26 -14.40
CA LYS B 215 9.27 19.02 -13.16
C LYS B 215 10.34 20.08 -13.17
N GLU B 216 11.42 19.86 -13.94
CA GLU B 216 12.65 20.68 -13.79
C GLU B 216 13.30 21.11 -15.08
N GLY B 217 12.97 20.52 -16.23
CA GLY B 217 13.55 21.01 -17.47
C GLY B 217 14.98 20.58 -17.66
N ARG B 218 15.41 19.59 -16.88
CA ARG B 218 16.79 19.12 -16.90
C ARG B 218 16.85 17.85 -16.06
N LEU B 219 17.99 17.18 -16.15
CA LEU B 219 18.31 16.08 -15.27
C LEU B 219 18.65 16.57 -13.87
N PRO B 220 18.43 15.72 -12.87
CA PRO B 220 18.74 16.13 -11.51
C PRO B 220 20.25 16.23 -11.29
N ASP B 221 20.62 16.87 -10.19
CA ASP B 221 22.03 16.88 -9.82
C ASP B 221 22.43 15.58 -9.15
N TYR B 222 21.51 14.94 -8.42
CA TYR B 222 21.81 13.72 -7.65
C TYR B 222 20.60 12.80 -7.75
N ILE B 223 20.89 11.50 -7.77
CA ILE B 223 19.88 10.47 -7.48
C ILE B 223 20.46 9.60 -6.37
N VAL B 224 19.68 9.39 -5.30
CA VAL B 224 20.14 8.67 -4.11
C VAL B 224 19.26 7.44 -3.92
N ALA B 225 19.88 6.28 -3.65
CA ALA B 225 19.10 5.05 -3.36
C ALA B 225 19.84 4.19 -2.35
N CYS B 226 19.10 3.47 -1.52
CA CYS B 226 19.79 2.56 -0.60
C CYS B 226 20.27 1.34 -1.36
N VAL B 227 21.32 0.70 -0.85
CA VAL B 227 21.97 -0.44 -1.52
C VAL B 227 22.30 -1.49 -0.49
N SER B 228 21.78 -2.71 -0.66
CA SER B 228 22.50 -3.83 -0.01
C SER B 228 22.79 -4.85 -1.12
N GLY B 229 21.84 -5.68 -1.51
CA GLY B 229 22.04 -6.42 -2.75
C GLY B 229 22.17 -5.50 -3.96
N GLY B 230 21.32 -4.47 -4.02
CA GLY B 230 21.45 -3.48 -5.05
C GLY B 230 20.33 -3.35 -6.08
N SER B 231 19.19 -4.03 -5.91
CA SER B 231 18.26 -4.03 -7.06
C SER B 231 17.50 -2.70 -7.22
N ASN B 232 17.02 -2.08 -6.13
CA ASN B 232 16.28 -0.84 -6.39
C ASN B 232 17.19 0.24 -6.91
N ALA B 233 18.43 0.30 -6.41
CA ALA B 233 19.40 1.28 -6.90
C ALA B 233 19.81 0.97 -8.32
N ALA B 234 20.01 -0.32 -8.68
CA ALA B 234 20.34 -0.61 -10.07
C ALA B 234 19.20 -0.18 -11.00
N GLY B 235 17.99 -0.32 -10.51
CA GLY B 235 16.86 0.00 -11.37
C GLY B 235 16.78 1.48 -11.63
N ILE B 236 17.02 2.29 -10.60
CA ILE B 236 16.89 3.72 -10.86
C ILE B 236 18.17 4.31 -11.47
N PHE B 237 19.34 3.71 -11.19
CA PHE B 237 20.63 4.23 -11.73
C PHE B 237 20.90 3.83 -13.17
N TYR B 238 20.50 2.61 -13.56
CA TYR B 238 20.99 2.06 -14.83
C TYR B 238 20.75 3.00 -16.03
N PRO B 239 19.56 3.60 -16.21
CA PRO B 239 19.36 4.49 -17.35
C PRO B 239 20.11 5.80 -17.25
N PHE B 240 20.74 6.10 -16.11
CA PHE B 240 21.50 7.34 -15.90
C PHE B 240 23.01 7.15 -15.87
N ILE B 241 23.50 5.92 -16.03
CA ILE B 241 24.94 5.68 -16.10
C ILE B 241 25.54 6.57 -17.20
N ASP B 242 26.60 7.31 -16.85
CA ASP B 242 27.37 8.17 -17.76
C ASP B 242 26.58 9.39 -18.23
N SER B 243 25.54 9.75 -17.52
CA SER B 243 24.75 10.91 -17.91
C SER B 243 25.28 12.20 -17.30
N GLY B 244 26.17 12.13 -16.32
CA GLY B 244 26.58 13.31 -15.56
C GLY B 244 25.81 13.56 -14.30
N VAL B 245 24.67 12.87 -14.10
CA VAL B 245 24.05 12.95 -12.80
C VAL B 245 24.95 12.27 -11.79
N LYS B 246 25.02 12.81 -10.57
CA LYS B 246 25.77 12.14 -9.50
C LYS B 246 24.86 11.07 -8.88
N LEU B 247 25.23 9.81 -9.04
CA LEU B 247 24.46 8.68 -8.52
C LEU B 247 25.07 8.23 -7.19
N ILE B 248 24.30 8.20 -6.12
CA ILE B 248 24.84 7.87 -4.80
C ILE B 248 24.10 6.67 -4.23
N GLY B 249 24.83 5.57 -4.08
CA GLY B 249 24.28 4.39 -3.43
C GLY B 249 24.61 4.40 -1.94
N VAL B 250 23.62 4.16 -1.11
CA VAL B 250 23.80 4.27 0.34
C VAL B 250 23.68 2.91 1.01
N GLU B 251 24.81 2.40 1.52
CA GLU B 251 24.83 1.16 2.29
C GLU B 251 24.45 1.32 3.75
N ALA B 252 24.12 0.17 4.35
CA ALA B 252 23.78 0.11 5.75
C ALA B 252 25.06 0.22 6.58
N GLY B 253 25.20 1.31 7.35
CA GLY B 253 26.37 1.42 8.22
C GLY B 253 26.18 0.89 9.61
N GLY B 254 24.97 0.45 9.95
CA GLY B 254 24.73 -0.31 11.16
C GLY B 254 25.11 0.50 12.38
N GLU B 255 25.96 -0.06 13.25
CA GLU B 255 26.44 0.75 14.38
C GLU B 255 27.61 1.65 14.02
N GLY B 256 28.14 1.60 12.80
CA GLY B 256 29.22 2.46 12.37
C GLY B 256 30.23 1.71 11.54
N LEU B 257 30.76 2.31 10.48
CA LEU B 257 31.68 1.58 9.61
C LEU B 257 32.84 0.96 10.39
N GLU B 258 33.23 1.56 11.52
CA GLU B 258 34.40 1.11 12.28
C GLU B 258 34.04 0.12 13.37
N THR B 259 32.77 -0.25 13.51
CA THR B 259 32.32 -1.17 14.57
C THR B 259 32.32 -2.65 14.16
N GLY B 260 32.52 -2.97 12.88
CA GLY B 260 32.27 -4.35 12.47
C GLY B 260 30.82 -4.83 12.55
N LYS B 261 29.85 -3.97 12.84
CA LYS B 261 28.44 -4.39 12.86
C LYS B 261 27.69 -3.54 11.84
N HIS B 262 27.67 -3.98 10.59
CA HIS B 262 27.09 -3.18 9.51
C HIS B 262 26.85 -4.14 8.34
N ALA B 263 26.44 -3.61 7.19
CA ALA B 263 26.29 -4.45 6.01
C ALA B 263 26.90 -3.77 4.82
N ALA B 264 28.01 -3.05 5.05
CA ALA B 264 28.54 -2.15 4.02
C ALA B 264 29.57 -2.90 3.16
N SER B 265 29.05 -3.78 2.30
CA SER B 265 29.91 -4.67 1.53
C SER B 265 30.88 -3.91 0.62
N LEU B 266 30.40 -2.88 -0.08
CA LEU B 266 31.31 -2.19 -1.00
C LEU B 266 32.40 -1.46 -0.24
N LEU B 267 32.05 -0.84 0.87
CA LEU B 267 33.02 -0.03 1.59
C LEU B 267 33.97 -0.87 2.45
N LYS B 268 33.54 -2.04 2.94
CA LYS B 268 34.32 -2.75 3.96
C LYS B 268 34.47 -4.24 3.68
N GLY B 269 33.87 -4.74 2.60
CA GLY B 269 34.06 -6.12 2.19
C GLY B 269 35.36 -6.29 1.43
N LYS B 270 35.63 -7.54 1.03
CA LYS B 270 36.79 -7.94 0.26
C LYS B 270 36.27 -8.78 -0.87
N ILE B 271 37.07 -8.92 -1.93
CA ILE B 271 36.64 -9.73 -3.06
C ILE B 271 36.45 -11.18 -2.63
N GLY B 272 35.36 -11.77 -3.11
CA GLY B 272 34.99 -13.10 -2.68
C GLY B 272 33.81 -13.57 -3.50
N TYR B 273 33.25 -14.70 -3.09
CA TYR B 273 32.16 -15.32 -3.84
C TYR B 273 31.00 -15.48 -2.86
N LEU B 274 29.79 -15.11 -3.27
CA LEU B 274 28.63 -15.35 -2.40
C LEU B 274 27.42 -15.58 -3.29
N HIS B 275 26.73 -16.69 -3.08
CA HIS B 275 25.45 -16.98 -3.71
C HIS B 275 25.50 -16.92 -5.24
N GLY B 276 26.66 -17.24 -5.79
CA GLY B 276 26.86 -17.35 -7.23
C GLY B 276 27.68 -16.24 -7.85
N SER B 277 27.86 -15.13 -7.14
CA SER B 277 28.57 -13.97 -7.71
C SER B 277 29.97 -13.82 -7.14
N LYS B 278 30.93 -13.48 -8.01
CA LYS B 278 32.18 -12.88 -7.55
C LYS B 278 31.97 -11.39 -7.34
N THR B 279 32.15 -10.92 -6.13
CA THR B 279 31.73 -9.57 -5.76
C THR B 279 32.40 -9.21 -4.43
N PHE B 280 31.94 -8.12 -3.82
CA PHE B 280 32.46 -7.68 -2.51
C PHE B 280 31.65 -8.34 -1.39
N VAL B 281 32.33 -8.98 -0.47
CA VAL B 281 31.65 -9.78 0.56
C VAL B 281 32.33 -9.50 1.91
N LEU B 282 31.54 -9.27 2.96
CA LEU B 282 32.15 -9.12 4.29
C LEU B 282 32.80 -10.41 4.72
N GLN B 283 34.11 -10.35 5.00
CA GLN B 283 34.90 -11.56 5.25
C GLN B 283 35.98 -11.27 6.26
N ASP B 284 36.40 -12.32 6.98
CA ASP B 284 37.64 -12.17 7.74
C ASP B 284 38.85 -12.39 6.83
N ASP B 285 40.09 -12.35 7.39
CA ASP B 285 41.24 -12.47 6.48
C ASP B 285 41.60 -13.92 6.16
N TRP B 286 40.77 -14.88 6.60
CA TRP B 286 40.86 -16.27 6.18
C TRP B 286 39.82 -16.65 5.13
N GLY B 287 39.09 -15.66 4.60
CA GLY B 287 38.12 -15.95 3.56
C GLY B 287 36.78 -16.42 4.05
N GLN B 288 36.48 -16.27 5.32
CA GLN B 288 35.23 -16.75 5.90
C GLN B 288 34.20 -15.62 5.89
N VAL B 289 33.03 -15.85 5.25
CA VAL B 289 32.00 -14.80 5.26
C VAL B 289 31.58 -14.48 6.70
N GLN B 290 31.37 -13.19 6.98
CA GLN B 290 30.98 -12.73 8.30
CA GLN B 290 30.98 -12.72 8.29
C GLN B 290 29.50 -12.38 8.33
N ALA B 291 28.92 -12.44 9.52
CA ALA B 291 27.54 -12.00 9.64
C ALA B 291 27.45 -10.48 9.44
N SER B 292 26.44 -10.06 8.70
CA SER B 292 26.14 -8.65 8.58
C SER B 292 25.25 -8.22 9.76
N HIS B 293 25.05 -6.90 9.91
CA HIS B 293 24.07 -6.36 10.84
CA HIS B 293 24.06 -6.38 10.83
C HIS B 293 23.45 -5.09 10.26
N SER B 294 22.14 -4.94 10.40
CA SER B 294 21.51 -3.63 10.16
C SER B 294 20.22 -3.60 10.96
N VAL B 295 19.78 -2.40 11.38
CA VAL B 295 18.42 -2.26 11.92
C VAL B 295 17.39 -2.59 10.83
N SER B 296 17.80 -2.51 9.57
CA SER B 296 16.92 -2.74 8.43
C SER B 296 17.09 -4.20 7.96
N ALA B 297 16.01 -4.99 8.04
CA ALA B 297 16.15 -6.41 7.66
C ALA B 297 16.45 -6.57 6.18
N GLY B 298 15.95 -5.68 5.31
CA GLY B 298 16.22 -5.79 3.88
C GLY B 298 17.63 -5.40 3.47
N LEU B 299 18.33 -4.64 4.31
CA LEU B 299 19.77 -4.34 4.03
C LEU B 299 20.73 -5.26 4.77
N ASP B 300 20.23 -6.13 5.62
CA ASP B 300 21.07 -6.97 6.48
C ASP B 300 21.60 -8.20 5.72
N TYR B 301 22.62 -7.96 4.87
CA TYR B 301 23.16 -8.97 3.97
C TYR B 301 24.65 -8.67 3.70
N PRO B 302 25.51 -9.68 3.69
CA PRO B 302 26.97 -9.39 3.66
C PRO B 302 27.57 -9.17 2.29
N GLY B 303 26.78 -9.31 1.22
CA GLY B 303 27.26 -9.17 -0.14
C GLY B 303 26.56 -8.02 -0.86
N VAL B 304 27.03 -7.76 -2.07
CA VAL B 304 26.42 -6.73 -2.93
C VAL B 304 26.46 -7.25 -4.35
N GLY B 305 25.56 -6.75 -5.20
CA GLY B 305 25.51 -7.17 -6.57
C GLY B 305 26.79 -6.84 -7.35
N PRO B 306 27.21 -7.70 -8.26
CA PRO B 306 28.49 -7.46 -8.99
C PRO B 306 28.43 -6.29 -9.94
N GLU B 307 27.22 -5.90 -10.40
CA GLU B 307 27.17 -4.68 -11.22
C GLU B 307 27.54 -3.45 -10.39
N HIS B 308 27.17 -3.42 -9.11
CA HIS B 308 27.56 -2.29 -8.27
C HIS B 308 29.07 -2.31 -7.98
N ALA B 309 29.64 -3.52 -7.74
CA ALA B 309 31.11 -3.59 -7.59
C ALA B 309 31.81 -2.98 -8.81
N TYR B 310 31.29 -3.26 -10.01
CA TYR B 310 31.83 -2.71 -11.26
C TYR B 310 31.60 -1.20 -11.35
N TRP B 311 30.39 -0.72 -11.02
CA TRP B 311 30.16 0.72 -11.06
C TRP B 311 31.04 1.45 -10.04
N ARG B 312 31.28 0.86 -8.87
CA ARG B 312 32.12 1.55 -7.89
CA ARG B 312 32.11 1.56 -7.90
C ARG B 312 33.55 1.64 -8.39
N GLU B 313 34.07 0.53 -8.91
CA GLU B 313 35.47 0.49 -9.41
C GLU B 313 35.71 1.52 -10.51
N THR B 314 34.75 1.68 -11.42
CA THR B 314 34.88 2.58 -12.57
C THR B 314 34.38 3.99 -12.27
N GLY B 315 33.89 4.25 -11.06
CA GLY B 315 33.51 5.60 -10.68
C GLY B 315 32.17 6.01 -11.26
N LYS B 316 31.43 5.08 -11.86
CA LYS B 316 30.15 5.48 -12.46
C LYS B 316 29.07 5.73 -11.41
N VAL B 317 29.23 5.16 -10.21
CA VAL B 317 28.34 5.46 -9.10
C VAL B 317 29.22 5.68 -7.88
N LEU B 318 28.80 6.57 -7.01
CA LEU B 318 29.47 6.83 -5.75
C LEU B 318 28.74 6.11 -4.63
N TYR B 319 29.49 5.62 -3.64
CA TYR B 319 28.85 4.90 -2.54
C TYR B 319 29.30 5.41 -1.18
N ASP B 320 28.37 5.44 -0.24
CA ASP B 320 28.65 5.80 1.14
C ASP B 320 27.68 5.03 2.03
N ALA B 321 27.61 5.38 3.31
CA ALA B 321 26.76 4.65 4.25
C ALA B 321 26.19 5.59 5.30
N VAL B 322 25.08 5.18 5.93
CA VAL B 322 24.54 5.86 7.10
C VAL B 322 24.25 4.82 8.14
N THR B 323 24.18 5.26 9.41
CA THR B 323 24.06 4.38 10.55
C THR B 323 22.59 4.04 10.81
N ASP B 324 22.36 3.01 11.64
CA ASP B 324 21.03 2.66 12.14
C ASP B 324 20.31 3.88 12.70
N GLU B 325 21.01 4.69 13.52
CA GLU B 325 20.34 5.82 14.17
C GLU B 325 19.95 6.89 13.16
N GLU B 326 20.82 7.18 12.19
CA GLU B 326 20.50 8.08 11.12
C GLU B 326 19.28 7.58 10.34
N ALA B 327 19.21 6.27 10.06
CA ALA B 327 18.06 5.77 9.31
C ALA B 327 16.77 5.93 10.11
N LEU B 328 16.81 5.57 11.39
CA LEU B 328 15.63 5.73 12.24
C LEU B 328 15.18 7.19 12.27
N ASP B 329 16.13 8.13 12.38
CA ASP B 329 15.77 9.55 12.36
C ASP B 329 15.03 9.93 11.07
N ALA B 330 15.51 9.41 9.94
CA ALA B 330 14.91 9.76 8.65
C ALA B 330 13.53 9.09 8.50
N PHE B 331 13.37 7.90 9.08
CA PHE B 331 12.06 7.24 9.10
C PHE B 331 11.02 8.11 9.80
N ILE B 332 11.37 8.61 11.00
CA ILE B 332 10.46 9.49 11.74
C ILE B 332 10.25 10.80 11.02
N GLU B 333 11.33 11.38 10.48
CA GLU B 333 11.25 12.65 9.76
C GLU B 333 10.27 12.60 8.59
N LEU B 334 10.36 11.60 7.70
CA LEU B 334 9.45 11.62 6.56
C LEU B 334 8.01 11.42 7.02
N SER B 335 7.81 10.58 8.01
CA SER B 335 6.47 10.31 8.53
C SER B 335 5.82 11.59 9.03
N ARG B 336 6.57 12.38 9.79
CA ARG B 336 6.05 13.59 10.41
C ARG B 336 5.96 14.76 9.44
N LEU B 337 6.95 14.94 8.58
CA LEU B 337 6.98 16.08 7.67
C LEU B 337 6.21 15.90 6.39
N GLU B 338 6.21 14.70 5.81
CA GLU B 338 5.50 14.50 4.55
C GLU B 338 4.29 13.58 4.68
N GLY B 339 4.07 12.98 5.84
CA GLY B 339 2.94 12.09 5.96
C GLY B 339 3.17 10.76 5.24
N ILE B 340 4.40 10.40 4.98
CA ILE B 340 4.74 9.17 4.25
C ILE B 340 5.63 8.34 5.17
N ILE B 341 5.21 7.12 5.50
CA ILE B 341 5.99 6.25 6.38
C ILE B 341 6.87 5.36 5.48
N PRO B 342 8.17 5.59 5.42
CA PRO B 342 9.02 4.90 4.45
C PRO B 342 9.55 3.60 5.05
N ALA B 343 9.95 2.67 4.17
CA ALA B 343 10.64 1.51 4.68
C ALA B 343 11.95 1.91 5.33
N LEU B 344 12.35 1.14 6.35
CA LEU B 344 13.64 1.43 6.98
C LEU B 344 14.81 1.27 6.01
N GLU B 345 14.71 0.41 5.00
CA GLU B 345 15.72 0.37 3.93
C GLU B 345 15.83 1.72 3.26
N SER B 346 14.71 2.23 2.71
CA SER B 346 14.74 3.51 2.00
C SER B 346 15.15 4.66 2.90
N SER B 347 14.87 4.55 4.19
CA SER B 347 15.24 5.61 5.14
C SER B 347 16.74 5.84 5.13
N HIS B 348 17.54 4.83 4.73
CA HIS B 348 18.99 5.09 4.62
C HIS B 348 19.28 6.08 3.52
N ALA B 349 18.54 6.01 2.38
CA ALA B 349 18.73 7.00 1.32
C ALA B 349 18.25 8.37 1.78
N LEU B 350 17.09 8.42 2.47
CA LEU B 350 16.58 9.71 2.96
C LEU B 350 17.55 10.33 3.96
N ALA B 351 18.15 9.49 4.80
CA ALA B 351 19.10 10.01 5.80
C ALA B 351 20.30 10.68 5.13
N TYR B 352 20.64 10.26 3.91
CA TYR B 352 21.82 10.82 3.23
C TYR B 352 21.61 12.28 2.82
N LEU B 353 20.37 12.76 2.71
CA LEU B 353 20.14 14.17 2.37
C LEU B 353 20.89 15.11 3.34
N LYS B 354 21.12 14.66 4.56
CA LYS B 354 21.87 15.41 5.57
C LYS B 354 23.37 15.39 5.36
N LYS B 355 23.89 14.52 4.48
CA LYS B 355 25.33 14.26 4.40
C LYS B 355 25.99 14.92 3.22
N ILE B 356 25.22 15.56 2.36
CA ILE B 356 25.79 16.28 1.24
C ILE B 356 25.19 17.68 1.23
N ASN B 357 25.93 18.58 0.61
CA ASN B 357 25.47 19.94 0.42
C ASN B 357 24.55 19.93 -0.78
N ILE B 358 23.25 20.08 -0.53
CA ILE B 358 22.31 20.05 -1.63
C ILE B 358 21.55 21.38 -1.79
N LYS B 359 21.95 22.42 -1.04
CA LYS B 359 21.30 23.73 -1.16
C LYS B 359 21.32 24.14 -2.61
N GLY B 360 20.14 24.46 -3.15
CA GLY B 360 20.00 24.80 -4.55
C GLY B 360 20.11 23.69 -5.55
N LYS B 361 20.11 22.43 -5.10
CA LYS B 361 20.26 21.29 -5.99
C LYS B 361 18.92 20.57 -6.13
N VAL B 362 18.78 19.87 -7.25
CA VAL B 362 17.65 18.96 -7.55
C VAL B 362 18.11 17.55 -7.18
N VAL B 363 17.32 16.87 -6.36
CA VAL B 363 17.72 15.55 -5.85
C VAL B 363 16.52 14.62 -6.02
N VAL B 364 16.71 13.44 -6.63
CA VAL B 364 15.67 12.39 -6.62
C VAL B 364 16.12 11.34 -5.62
N VAL B 365 15.26 10.97 -4.69
CA VAL B 365 15.49 9.84 -3.80
C VAL B 365 14.58 8.70 -4.24
N ASN B 366 15.14 7.48 -4.34
CA ASN B 366 14.27 6.34 -4.66
C ASN B 366 13.58 5.88 -3.37
N LEU B 367 12.25 6.05 -3.30
CA LEU B 367 11.54 5.64 -2.10
C LEU B 367 11.08 4.20 -2.35
N SER B 368 11.99 3.26 -2.00
CA SER B 368 11.84 1.88 -2.49
C SER B 368 10.68 1.12 -1.86
N GLY B 369 10.21 1.50 -0.67
CA GLY B 369 9.09 0.76 -0.11
C GLY B 369 8.43 1.54 1.01
N ARG B 370 7.25 1.06 1.38
CA ARG B 370 6.63 1.65 2.57
C ARG B 370 7.07 0.94 3.87
N GLY B 371 6.80 1.61 4.99
CA GLY B 371 7.33 1.21 6.28
C GLY B 371 6.36 0.56 7.24
N ASP B 372 5.19 0.11 6.76
CA ASP B 372 4.27 -0.49 7.71
CA ASP B 372 4.22 -0.57 7.63
C ASP B 372 4.85 -1.77 8.35
N LYS B 373 5.66 -2.56 7.62
CA LYS B 373 6.36 -3.72 8.19
C LYS B 373 7.28 -3.34 9.33
N ASP B 374 7.68 -2.09 9.41
CA ASP B 374 8.71 -1.71 10.42
C ASP B 374 8.12 -0.96 11.61
N LEU B 375 6.80 -0.79 11.66
CA LEU B 375 6.30 0.12 12.71
C LEU B 375 6.58 -0.42 14.12
N GLU B 376 6.28 -1.68 14.35
CA GLU B 376 6.47 -2.26 15.69
C GLU B 376 7.94 -2.20 16.08
N SER B 377 8.85 -2.60 15.17
CA SER B 377 10.29 -2.51 15.48
C SER B 377 10.74 -1.08 15.79
N VAL B 378 10.30 -0.10 15.00
CA VAL B 378 10.73 1.27 15.23
C VAL B 378 10.20 1.78 16.58
N LEU B 379 8.90 1.56 16.83
CA LEU B 379 8.25 2.06 18.04
C LEU B 379 8.87 1.44 19.28
N ASN B 380 9.47 0.26 19.16
CA ASN B 380 10.06 -0.41 20.32
C ASN B 380 11.58 -0.30 20.37
N HIS B 381 12.20 0.36 19.41
CA HIS B 381 13.65 0.46 19.38
C HIS B 381 14.14 1.35 20.53
N PRO B 382 15.18 0.94 21.27
CA PRO B 382 15.64 1.75 22.42
C PRO B 382 15.98 3.18 22.06
N TYR B 383 16.52 3.41 20.86
CA TYR B 383 16.92 4.77 20.50
C TYR B 383 15.70 5.63 20.28
N VAL B 384 14.65 5.04 19.72
CA VAL B 384 13.42 5.79 19.50
C VAL B 384 12.68 6.00 20.81
N ARG B 385 12.62 4.96 21.66
CA ARG B 385 12.02 5.13 22.99
C ARG B 385 12.72 6.25 23.77
N GLU B 386 14.06 6.31 23.72
CA GLU B 386 14.79 7.49 24.20
C GLU B 386 14.63 8.70 23.26
N ARG B 387 13.39 9.07 22.95
CA ARG B 387 13.09 10.26 22.15
C ARG B 387 11.74 10.75 22.60
#